data_7A3U
#
_entry.id   7A3U
#
_cell.length_a   55.506
_cell.length_b   170.728
_cell.length_c   221.163
_cell.angle_alpha   90.000
_cell.angle_beta   90.000
_cell.angle_gamma   90.000
#
_symmetry.space_group_name_H-M   'C 2 2 21'
#
loop_
_entity.id
_entity.type
_entity.pdbx_description
1 polymer 'Envelope protein'
2 polymer "EDE1 C10 antibody divalent F(ab')2 fragment"
3 polymer "EDE1 C10 divalent F(ab')2 fragment"
4 water water
#
loop_
_entity_poly.entity_id
_entity_poly.type
_entity_poly.pdbx_seq_one_letter_code
_entity_poly.pdbx_strand_id
1 'polypeptide(L)'
;IRCIGVSNRDFVEGMSGGTWVDVVLEHGGCVTVMAQDKPTVDIELVTTTVSNMAEVRSYCYEASISDMASDSRCPTQGEA
YLDKQSDTQYVCKRTLVDRGWGNGCGLFGKGSLVTCAKFACSKKMTGKSIQPENLEYRIMLSVHGSQHSGMIVNDTGHET
DENRAKVEITPNSPRAEATLGGFGSLGLDCEPRTGLDFSDLYYLTMNNKHWLVHKEWFHDIPLPWHAGADTGTPHWNNKE
ALVEFKDAHAKRQTVVVLGSQEGAVHTALAGALEAEMDGAKGRLSSGHLKCRLKMDKLRLKGVSYSLCTAAFTFTKIPAE
TLHGTVTVEVQYAGTDGPCKVPAQMAVDMQTLTPVGRLITANPVITESTENSKMMLELDPPFGDSYIVIGVGEKKITHHW
HRSGSTIGKGLVPR
;
A
2 'polypeptide(L)'
;EVQLVESGAEVKKPGASVKVSCKASGYTFTSYAMHWVRQAPGQRLEWMGWINAGNGNTKYSQKFQDRVTITRDTSASTAY
MELSSLRSEDTAIYYCARDKVDDYGDYWFPTLWYFDYWGQGTLVTVSSASTKGPSVFPLAPSSKSTSGGTAALGCLVKDY
FPEPVTVSWNSGALTSGVHTFPAVLQSSGLYSLSSVVTVPSSSLGTQTYICNVNHKPSNTKVDKRVEPKSCDKTHTCPPC
PPCPPLEDDDDKAGWSHPQFEKGGGS
;
H
3 'polypeptide(L)'
;SQSALTQPASVSGSPGQSITISCTGTSSDVGGFNYVSWFQQHPGKAPKLMLYDVTSRPSGVSSRFSGSKSGNTASLTISG
LQAEDEADYYCSSHTSRGTWVFGGGTKLTVLGQPKAAPSVTLFPPSSEELQANKATLVCLISDFYPGAVTVAWKADSSPV
KAGVETTTPSKQSNNKYAASSYLSLTPEQWKSHRSYSCQVTHEGSTVEKTVAPTECS
;
L
#
# COMPACT_ATOMS: atom_id res chain seq x y z
N ILE A 1 24.77 -1.29 3.71
CA ILE A 1 24.61 -0.34 2.61
C ILE A 1 23.59 0.73 3.00
N ARG A 2 23.10 0.66 4.23
CA ARG A 2 22.04 1.56 4.66
C ARG A 2 22.49 3.02 4.76
N CYS A 3 23.80 3.30 4.76
CA CYS A 3 24.25 4.68 4.76
C CYS A 3 24.34 5.29 3.36
N ILE A 4 24.21 4.51 2.30
CA ILE A 4 24.30 5.10 0.96
C ILE A 4 23.05 5.91 0.71
N GLY A 5 23.23 7.19 0.36
CA GLY A 5 22.13 8.10 0.13
C GLY A 5 21.82 9.03 1.29
N VAL A 6 22.44 8.82 2.45
CA VAL A 6 22.23 9.68 3.61
C VAL A 6 23.18 10.86 3.55
N SER A 7 22.65 12.07 3.65
CA SER A 7 23.48 13.27 3.58
C SER A 7 24.38 13.40 4.80
N ASN A 8 23.85 13.09 5.98
CA ASN A 8 24.61 13.18 7.23
C ASN A 8 25.37 11.88 7.47
N ARG A 9 26.31 11.59 6.58
CA ARG A 9 27.07 10.35 6.61
C ARG A 9 28.51 10.64 7.00
N ASP A 10 29.00 9.94 8.02
CA ASP A 10 30.36 10.08 8.52
C ASP A 10 31.15 8.82 8.21
N PHE A 11 32.40 9.00 7.81
CA PHE A 11 33.32 7.91 7.51
C PHE A 11 34.35 7.79 8.62
N VAL A 12 34.47 6.59 9.19
CA VAL A 12 35.44 6.32 10.24
C VAL A 12 36.32 5.17 9.79
N GLU A 13 37.63 5.38 9.81
CA GLU A 13 38.60 4.39 9.38
C GLU A 13 39.32 3.84 10.60
N GLY A 14 39.26 2.52 10.79
CA GLY A 14 39.94 1.88 11.88
C GLY A 14 41.33 1.38 11.51
N MET A 15 42.11 1.05 12.54
CA MET A 15 43.46 0.54 12.33
C MET A 15 43.42 -0.80 11.61
N SER A 16 44.44 -1.03 10.77
CA SER A 16 44.58 -2.32 10.10
C SER A 16 45.09 -3.35 11.10
N GLY A 17 44.30 -4.38 11.35
CA GLY A 17 44.61 -5.28 12.45
C GLY A 17 44.25 -4.73 13.80
N GLY A 18 43.47 -3.64 13.84
CA GLY A 18 43.02 -3.10 15.11
C GLY A 18 41.94 -3.94 15.75
N THR A 19 41.77 -3.73 17.05
CA THR A 19 40.84 -4.51 17.86
C THR A 19 39.49 -3.83 18.00
N TRP A 20 39.48 -2.53 18.31
CA TRP A 20 38.24 -1.79 18.51
C TRP A 20 38.33 -0.45 17.79
N VAL A 21 37.15 0.12 17.50
CA VAL A 21 37.04 1.44 16.91
C VAL A 21 35.96 2.21 17.65
N ASP A 22 36.27 3.46 18.00
CA ASP A 22 35.33 4.35 18.69
C ASP A 22 34.48 5.10 17.67
N VAL A 23 33.17 5.17 17.96
CA VAL A 23 32.20 5.77 17.06
C VAL A 23 31.17 6.54 17.87
N VAL A 24 30.54 7.52 17.22
CA VAL A 24 29.50 8.35 17.83
C VAL A 24 28.27 8.27 16.93
N LEU A 25 27.23 7.58 17.41
CA LEU A 25 25.99 7.42 16.64
C LEU A 25 24.99 8.49 17.05
N GLU A 26 24.49 9.23 16.07
CA GLU A 26 23.49 10.27 16.30
C GLU A 26 22.22 9.95 15.51
N HIS A 27 21.09 10.34 16.08
CA HIS A 27 19.82 10.26 15.34
C HIS A 27 19.93 11.09 14.06
N GLY A 28 19.46 10.51 12.96
CA GLY A 28 19.56 11.15 11.66
C GLY A 28 20.91 10.98 10.98
N GLY A 29 21.91 10.44 11.68
CA GLY A 29 23.20 10.17 11.10
C GLY A 29 23.40 8.69 10.80
N CYS A 30 24.53 8.40 10.17
CA CYS A 30 24.87 7.04 9.73
C CYS A 30 26.38 6.99 9.56
N VAL A 31 27.00 5.92 10.04
CA VAL A 31 28.45 5.80 10.01
C VAL A 31 28.83 4.58 9.20
N THR A 32 29.77 4.74 8.29
CA THR A 32 30.33 3.64 7.53
C THR A 32 31.74 3.37 8.07
N VAL A 33 31.91 2.20 8.71
CA VAL A 33 33.15 1.81 9.35
C VAL A 33 33.89 0.85 8.43
N MET A 34 35.16 1.14 8.17
CA MET A 34 36.01 0.31 7.34
C MET A 34 37.32 0.01 8.05
N ALA A 35 37.93 -1.12 7.69
CA ALA A 35 39.22 -1.51 8.22
C ALA A 35 39.82 -2.54 7.26
N GLN A 36 41.14 -2.49 7.13
CA GLN A 36 41.84 -3.40 6.23
C GLN A 36 41.60 -4.85 6.64
N ASP A 37 41.36 -5.71 5.64
CA ASP A 37 41.10 -7.13 5.83
C ASP A 37 39.82 -7.38 6.61
N LYS A 38 38.96 -6.38 6.72
CA LYS A 38 37.69 -6.45 7.42
C LYS A 38 36.58 -5.96 6.50
N PRO A 39 35.38 -6.50 6.64
CA PRO A 39 34.27 -6.03 5.80
C PRO A 39 33.83 -4.64 6.24
N THR A 40 33.31 -3.87 5.29
CA THR A 40 32.82 -2.53 5.59
C THR A 40 31.39 -2.62 6.10
N VAL A 41 31.10 -1.93 7.20
CA VAL A 41 29.84 -2.08 7.92
C VAL A 41 29.22 -0.72 8.17
N ASP A 42 27.94 -0.58 7.84
CA ASP A 42 27.17 0.61 8.17
C ASP A 42 26.47 0.42 9.52
N ILE A 43 26.50 1.46 10.33
CA ILE A 43 25.96 1.43 11.68
C ILE A 43 25.13 2.68 11.89
N GLU A 44 23.96 2.51 12.51
CA GLU A 44 23.08 3.65 12.72
C GLU A 44 22.24 3.45 13.97
N LEU A 45 22.19 4.48 14.82
CA LEU A 45 21.20 4.53 15.90
C LEU A 45 19.86 4.97 15.33
N VAL A 46 18.86 4.09 15.36
CA VAL A 46 17.62 4.33 14.62
C VAL A 46 16.51 4.83 15.53
N THR A 47 16.41 4.30 16.76
CA THR A 47 15.35 4.69 17.67
C THR A 47 15.88 4.80 19.09
N THR A 48 15.29 5.73 19.85
CA THR A 48 15.47 5.82 21.30
C THR A 48 14.10 5.71 21.93
N THR A 49 13.90 4.69 22.75
CA THR A 49 12.59 4.41 23.32
C THR A 49 12.64 4.56 24.83
N VAL A 50 11.63 5.22 25.38
CA VAL A 50 11.40 5.28 26.81
C VAL A 50 10.13 4.48 27.09
N SER A 51 10.25 3.46 27.94
CA SER A 51 9.13 2.59 28.27
C SER A 51 8.73 2.76 29.72
N ASN A 52 7.54 2.28 30.05
CA ASN A 52 7.10 2.15 31.45
C ASN A 52 7.11 3.49 32.17
N MET A 53 6.62 4.53 31.51
CA MET A 53 6.56 5.85 32.12
C MET A 53 5.41 5.92 33.12
N ALA A 54 5.66 6.57 34.26
CA ALA A 54 4.65 6.72 35.30
C ALA A 54 4.07 8.12 35.25
N GLU A 55 2.74 8.19 35.34
CA GLU A 55 2.05 9.48 35.31
C GLU A 55 2.35 10.28 36.56
N VAL A 56 2.81 11.51 36.38
CA VAL A 56 3.16 12.39 37.49
C VAL A 56 2.06 13.41 37.78
N ARG A 57 1.49 14.03 36.75
CA ARG A 57 0.55 15.10 37.04
C ARG A 57 -0.24 15.43 35.79
N SER A 58 -1.48 15.91 35.98
CA SER A 58 -2.26 16.38 34.84
C SER A 58 -2.70 17.82 35.07
N TYR A 59 -2.58 18.65 34.04
CA TYR A 59 -2.93 20.05 34.08
C TYR A 59 -4.09 20.33 33.15
N CYS A 60 -5.11 21.01 33.66
CA CYS A 60 -6.26 21.42 32.85
C CYS A 60 -5.95 22.74 32.16
N TYR A 61 -5.94 22.73 30.83
CA TYR A 61 -5.76 23.96 30.07
C TYR A 61 -7.02 24.45 29.39
N GLU A 62 -8.09 23.63 29.34
CA GLU A 62 -9.38 24.10 28.83
C GLU A 62 -10.49 23.59 29.74
N ALA A 63 -11.21 24.52 30.37
CA ALA A 63 -12.24 24.21 31.36
C ALA A 63 -13.60 24.75 30.96
N SER A 64 -14.63 24.22 31.60
CA SER A 64 -16.00 24.69 31.41
C SER A 64 -16.69 24.76 32.77
N ILE A 65 -17.82 25.46 32.81
CA ILE A 65 -18.54 25.73 34.05
C ILE A 65 -20.01 25.38 33.87
N SER A 66 -20.61 24.80 34.91
CA SER A 66 -22.00 24.41 34.87
C SER A 66 -22.62 24.59 36.26
N ASP A 67 -23.95 24.52 36.31
CA ASP A 67 -24.70 24.42 37.56
C ASP A 67 -24.41 25.58 38.50
N MET A 68 -24.60 26.80 38.00
CA MET A 68 -24.38 27.98 38.82
C MET A 68 -25.46 28.10 39.89
N ALA A 69 -25.04 28.43 41.11
CA ALA A 69 -25.98 28.53 42.23
C ALA A 69 -25.54 29.66 43.15
N SER A 70 -26.49 30.14 43.95
CA SER A 70 -26.24 31.28 44.83
C SER A 70 -27.01 31.12 46.13
N ASP A 71 -26.44 31.70 47.20
CA ASP A 71 -27.14 31.87 48.47
C ASP A 71 -26.98 33.32 48.92
N SER A 72 -28.07 33.91 49.40
CA SER A 72 -28.08 35.31 49.81
C SER A 72 -28.73 35.47 51.17
N ARG A 73 -28.28 36.50 51.90
CA ARG A 73 -28.81 36.85 53.19
C ARG A 73 -28.97 38.36 53.27
N CYS A 74 -29.89 38.81 54.10
CA CYS A 74 -30.17 40.22 54.28
C CYS A 74 -29.08 40.86 55.14
N PRO A 75 -28.99 42.19 55.14
CA PRO A 75 -28.04 42.85 56.05
C PRO A 75 -28.32 42.49 57.49
N THR A 76 -27.25 42.34 58.26
CA THR A 76 -27.24 41.96 59.68
C THR A 76 -27.72 40.52 59.90
N GLN A 77 -28.05 39.79 58.84
CA GLN A 77 -28.47 38.39 58.96
C GLN A 77 -27.30 37.43 58.82
N GLY A 78 -26.07 37.94 58.77
CA GLY A 78 -24.91 37.08 58.74
C GLY A 78 -24.45 36.76 57.33
N GLU A 79 -23.52 35.82 57.25
CA GLU A 79 -22.93 35.43 55.98
C GLU A 79 -23.74 34.33 55.32
N ALA A 80 -23.85 34.41 54.00
CA ALA A 80 -24.55 33.39 53.24
C ALA A 80 -23.72 32.11 53.19
N TYR A 81 -24.41 30.99 52.96
CA TYR A 81 -23.75 29.70 52.84
C TYR A 81 -24.51 28.82 51.84
N LEU A 82 -23.76 28.18 50.95
CA LEU A 82 -24.29 27.24 49.98
C LEU A 82 -23.76 25.84 50.26
N ASP A 83 -24.64 24.84 50.10
CA ASP A 83 -24.20 23.46 50.31
C ASP A 83 -23.07 23.07 49.37
N LYS A 84 -23.05 23.63 48.16
CA LYS A 84 -22.00 23.34 47.20
C LYS A 84 -20.61 23.78 47.67
N GLN A 85 -20.53 24.60 48.72
CA GLN A 85 -19.24 24.90 49.33
C GLN A 85 -18.56 23.67 49.91
N SER A 86 -19.31 22.58 50.10
CA SER A 86 -18.75 21.34 50.62
C SER A 86 -18.47 20.33 49.52
N ASP A 87 -18.71 20.69 48.26
CA ASP A 87 -18.39 19.83 47.13
C ASP A 87 -17.12 20.36 46.48
N THR A 88 -16.08 19.51 46.47
CA THR A 88 -14.78 19.90 45.94
C THR A 88 -14.81 20.17 44.44
N GLN A 89 -15.86 19.72 43.75
CA GLN A 89 -16.02 19.97 42.32
C GLN A 89 -16.56 21.37 42.02
N TYR A 90 -16.92 22.15 43.03
CA TYR A 90 -17.44 23.50 42.84
C TYR A 90 -16.43 24.52 43.32
N VAL A 91 -16.40 25.66 42.65
CA VAL A 91 -15.63 26.83 43.08
C VAL A 91 -16.61 27.93 43.48
N CYS A 92 -16.30 28.62 44.58
CA CYS A 92 -17.23 29.54 45.23
C CYS A 92 -16.53 30.83 45.61
N LYS A 93 -17.33 31.90 45.72
CA LYS A 93 -16.84 33.19 46.21
C LYS A 93 -17.97 33.95 46.91
N ARG A 94 -17.60 34.70 47.94
CA ARG A 94 -18.52 35.55 48.69
C ARG A 94 -18.25 37.03 48.43
N THR A 95 -19.32 37.82 48.50
CA THR A 95 -19.28 39.26 48.27
C THR A 95 -20.50 39.89 48.94
N LEU A 96 -20.65 41.20 48.78
CA LEU A 96 -21.75 41.96 49.36
C LEU A 96 -22.58 42.60 48.24
N VAL A 97 -23.90 42.58 48.41
CA VAL A 97 -24.82 43.15 47.41
C VAL A 97 -25.76 44.12 48.10
N ASP A 98 -26.23 45.11 47.34
CA ASP A 98 -27.18 46.07 47.87
C ASP A 98 -28.53 45.41 48.10
N ARG A 99 -29.05 45.56 49.33
CA ARG A 99 -30.34 45.00 49.69
C ARG A 99 -31.19 46.07 50.36
N GLY A 100 -32.50 45.86 50.29
CA GLY A 100 -33.44 46.74 50.95
C GLY A 100 -34.85 46.23 50.80
N TRP A 101 -35.80 47.12 51.12
CA TRP A 101 -37.21 46.75 51.04
C TRP A 101 -37.60 46.28 49.65
N GLY A 102 -36.98 46.85 48.61
CA GLY A 102 -37.35 46.51 47.26
C GLY A 102 -37.06 45.07 46.89
N ASN A 103 -36.05 44.46 47.51
CA ASN A 103 -35.69 43.08 47.23
C ASN A 103 -35.83 42.19 48.47
N GLY A 104 -36.84 42.47 49.29
CA GLY A 104 -37.25 41.52 50.30
C GLY A 104 -36.52 41.55 51.62
N CYS A 105 -35.80 42.64 51.93
CA CYS A 105 -35.10 42.75 53.20
C CYS A 105 -35.72 43.83 54.07
N GLY A 106 -35.82 43.54 55.36
CA GLY A 106 -36.34 44.52 56.31
C GLY A 106 -35.41 45.69 56.53
N LEU A 107 -34.12 45.54 56.24
CA LEU A 107 -33.14 46.59 56.41
C LEU A 107 -32.48 46.92 55.07
N PHE A 108 -31.92 48.12 55.01
CA PHE A 108 -31.15 48.57 53.87
C PHE A 108 -29.67 48.35 54.15
N GLY A 109 -28.93 47.90 53.14
CA GLY A 109 -27.50 47.84 53.30
C GLY A 109 -26.92 46.64 52.58
N LYS A 110 -25.67 46.33 52.91
CA LYS A 110 -24.95 45.25 52.25
C LYS A 110 -25.37 43.91 52.84
N GLY A 111 -25.86 43.01 51.98
CA GLY A 111 -26.17 41.65 52.37
C GLY A 111 -25.18 40.68 51.76
N SER A 112 -24.90 39.61 52.50
CA SER A 112 -23.90 38.62 52.07
C SER A 112 -24.44 37.76 50.94
N LEU A 113 -23.57 37.47 49.97
CA LEU A 113 -23.92 36.64 48.84
C LEU A 113 -22.77 35.69 48.54
N VAL A 114 -23.09 34.42 48.31
CA VAL A 114 -22.10 33.46 47.85
C VAL A 114 -22.59 32.84 46.55
N THR A 115 -21.66 32.65 45.62
CA THR A 115 -21.96 32.07 44.32
C THR A 115 -20.98 30.94 44.06
N CYS A 116 -21.51 29.81 43.57
CA CYS A 116 -20.72 28.62 43.28
C CYS A 116 -21.03 28.10 41.88
N ALA A 117 -20.04 27.43 41.30
CA ALA A 117 -20.17 26.86 39.96
C ALA A 117 -19.35 25.59 39.88
N LYS A 118 -19.87 24.60 39.15
CA LYS A 118 -19.24 23.29 39.05
C LYS A 118 -18.14 23.33 38.00
N PHE A 119 -16.92 23.00 38.41
CA PHE A 119 -15.76 22.99 37.53
C PHE A 119 -15.65 21.63 36.86
N ALA A 120 -15.41 21.64 35.55
CA ALA A 120 -15.14 20.43 34.79
C ALA A 120 -14.09 20.76 33.76
N CYS A 121 -13.19 19.80 33.50
CA CYS A 121 -12.13 20.02 32.53
C CYS A 121 -12.56 19.51 31.17
N SER A 122 -12.33 20.33 30.15
CA SER A 122 -12.58 19.94 28.76
C SER A 122 -11.35 19.29 28.15
N LYS A 123 -10.19 19.88 28.36
CA LYS A 123 -8.96 19.42 27.73
C LYS A 123 -7.79 19.59 28.70
N LYS A 124 -7.04 18.51 28.90
CA LYS A 124 -5.95 18.47 29.87
C LYS A 124 -4.71 17.86 29.22
N MET A 125 -3.57 18.12 29.85
CA MET A 125 -2.27 17.61 29.46
C MET A 125 -1.71 16.76 30.59
N THR A 126 -0.84 15.82 30.24
CA THR A 126 -0.34 14.83 31.18
C THR A 126 1.19 14.81 31.17
N GLY A 127 1.79 14.96 32.35
CA GLY A 127 3.21 14.80 32.54
C GLY A 127 3.50 13.46 33.20
N LYS A 128 4.37 12.69 32.53
CA LYS A 128 4.82 11.39 32.98
C LYS A 128 6.29 11.47 33.37
N SER A 129 6.71 10.61 34.29
CA SER A 129 8.09 10.59 34.76
C SER A 129 8.93 9.61 33.96
N ILE A 130 10.22 9.90 33.88
CA ILE A 130 11.17 9.07 33.15
C ILE A 130 12.19 8.52 34.13
N GLN A 131 12.41 7.21 34.07
CA GLN A 131 13.41 6.53 34.87
C GLN A 131 14.59 6.17 33.97
N PRO A 132 15.79 6.71 34.23
CA PRO A 132 16.95 6.43 33.37
C PRO A 132 17.16 4.96 33.06
N GLU A 133 16.68 4.05 33.91
CA GLU A 133 16.92 2.63 33.72
C GLU A 133 16.13 2.04 32.55
N ASN A 134 15.10 2.74 32.07
CA ASN A 134 14.14 2.15 31.16
C ASN A 134 14.33 2.54 29.70
N LEU A 135 15.10 3.57 29.39
CA LEU A 135 15.31 3.89 27.98
C LEU A 135 16.13 2.79 27.30
N GLU A 136 15.86 2.58 26.02
CA GLU A 136 16.49 1.51 25.26
C GLU A 136 16.80 2.00 23.86
N TYR A 137 18.05 1.81 23.42
CA TYR A 137 18.52 2.26 22.13
C TYR A 137 18.57 1.07 21.18
N ARG A 138 18.10 1.28 19.95
CA ARG A 138 18.12 0.27 18.89
C ARG A 138 19.07 0.71 17.78
N ILE A 139 19.98 -0.17 17.42
CA ILE A 139 21.04 0.10 16.45
C ILE A 139 20.89 -0.89 15.30
N MET A 140 20.93 -0.36 14.08
CA MET A 140 20.86 -1.15 12.88
C MET A 140 22.24 -1.27 12.26
N LEU A 141 22.62 -2.48 11.87
CA LEU A 141 23.87 -2.79 11.21
C LEU A 141 23.58 -3.34 9.82
N SER A 142 24.30 -2.84 8.83
CA SER A 142 24.15 -3.28 7.44
C SER A 142 25.53 -3.44 6.85
N VAL A 143 25.97 -4.67 6.60
CA VAL A 143 27.30 -4.88 6.05
C VAL A 143 27.29 -4.54 4.56
N HIS A 144 28.44 -4.06 4.08
CA HIS A 144 28.69 -3.90 2.65
C HIS A 144 29.16 -5.26 2.11
N GLY A 145 28.19 -6.15 1.87
CA GLY A 145 28.50 -7.50 1.43
C GLY A 145 28.23 -7.75 -0.04
N SER A 146 28.29 -6.69 -0.84
CA SER A 146 28.08 -6.67 -2.28
C SER A 146 26.64 -6.98 -2.66
N GLN A 147 25.71 -6.96 -1.71
CA GLN A 147 24.30 -7.06 -2.04
C GLN A 147 23.87 -5.82 -2.78
N HIS A 148 22.98 -5.99 -3.76
CA HIS A 148 22.57 -4.90 -4.62
C HIS A 148 21.42 -4.12 -3.98
N SER A 149 21.37 -2.83 -4.28
CA SER A 149 20.27 -2.01 -3.81
C SER A 149 18.96 -2.59 -4.34
N GLY A 150 17.92 -2.50 -3.52
CA GLY A 150 16.79 -3.36 -3.73
C GLY A 150 17.08 -4.76 -3.27
N MET A 151 17.67 -4.93 -2.09
CA MET A 151 17.88 -6.28 -1.59
C MET A 151 16.64 -6.71 -0.81
N ILE A 152 15.69 -7.27 -1.55
CA ILE A 152 14.55 -7.96 -0.95
C ILE A 152 15.03 -9.27 -0.35
N VAL A 153 14.36 -9.72 0.72
CA VAL A 153 14.81 -10.90 1.46
C VAL A 153 13.70 -11.94 1.52
N ASN A 154 14.05 -13.18 1.18
CA ASN A 154 13.15 -14.33 1.33
C ASN A 154 13.66 -15.19 2.47
N THR A 160 16.77 -15.02 8.59
CA THR A 160 17.70 -14.13 9.25
C THR A 160 18.74 -13.61 8.25
N ASP A 161 18.47 -12.44 7.67
CA ASP A 161 19.40 -11.86 6.70
C ASP A 161 20.76 -11.63 7.34
N GLU A 162 21.79 -12.18 6.70
CA GLU A 162 23.16 -12.08 7.21
C GLU A 162 23.74 -10.68 7.03
N ASN A 163 23.21 -9.89 6.08
CA ASN A 163 23.71 -8.55 5.87
C ASN A 163 23.23 -7.56 6.92
N ARG A 164 22.11 -7.83 7.58
CA ARG A 164 21.52 -6.91 8.54
C ARG A 164 21.54 -7.52 9.94
N ALA A 165 21.70 -6.65 10.92
CA ALA A 165 21.57 -7.04 12.32
C ALA A 165 20.91 -5.91 13.09
N LYS A 166 20.14 -6.29 14.10
CA LYS A 166 19.53 -5.34 15.02
C LYS A 166 20.11 -5.60 16.40
N VAL A 167 20.51 -4.53 17.08
CA VAL A 167 21.11 -4.62 18.41
C VAL A 167 20.37 -3.68 19.34
N GLU A 168 20.05 -4.13 20.54
CA GLU A 168 19.38 -3.30 21.52
C GLU A 168 20.26 -3.18 22.76
N ILE A 169 20.50 -1.94 23.18
CA ILE A 169 21.33 -1.67 24.35
C ILE A 169 20.53 -0.80 25.32
N THR A 170 20.60 -1.16 26.60
CA THR A 170 19.94 -0.48 27.70
C THR A 170 20.99 -0.08 28.72
N PRO A 171 20.68 0.86 29.62
CA PRO A 171 21.67 1.23 30.65
C PRO A 171 22.18 0.05 31.45
N ASN A 172 21.31 -0.91 31.76
CA ASN A 172 21.71 -2.07 32.54
C ASN A 172 22.37 -3.15 31.69
N SER A 173 22.25 -3.07 30.37
CA SER A 173 22.97 -3.97 29.46
C SER A 173 23.52 -3.14 28.30
N PRO A 174 24.57 -2.36 28.55
CA PRO A 174 25.11 -1.47 27.52
C PRO A 174 25.98 -2.17 26.49
N ARG A 175 26.23 -3.47 26.66
CA ARG A 175 27.10 -4.22 25.78
C ARG A 175 26.31 -5.31 25.08
N ALA A 176 26.60 -5.50 23.79
CA ALA A 176 25.93 -6.52 23.01
C ALA A 176 26.89 -7.06 21.95
N GLU A 177 26.51 -8.18 21.35
CA GLU A 177 27.24 -8.74 20.22
C GLU A 177 26.23 -9.23 19.19
N ALA A 178 26.37 -8.72 17.96
CA ALA A 178 25.48 -9.09 16.86
C ALA A 178 26.18 -10.11 15.97
N THR A 179 25.47 -11.19 15.64
CA THR A 179 25.99 -12.20 14.73
C THR A 179 25.59 -11.85 13.32
N LEU A 180 26.54 -11.91 12.40
CA LEU A 180 26.35 -11.51 11.02
C LEU A 180 26.66 -12.65 10.06
N GLY A 181 26.36 -13.88 10.50
CA GLY A 181 26.55 -15.05 9.64
C GLY A 181 28.00 -15.23 9.24
N GLY A 182 28.24 -15.25 7.93
CA GLY A 182 29.56 -15.51 7.38
C GLY A 182 30.58 -14.44 7.68
N PHE A 183 30.16 -13.26 8.09
CA PHE A 183 31.09 -12.21 8.50
C PHE A 183 31.53 -12.34 9.95
N GLY A 184 31.00 -13.32 10.68
CA GLY A 184 31.37 -13.52 12.07
C GLY A 184 30.41 -12.78 12.99
N SER A 185 30.97 -11.95 13.88
CA SER A 185 30.13 -11.20 14.80
C SER A 185 30.88 -9.94 15.21
N LEU A 186 30.11 -8.90 15.54
CA LEU A 186 30.64 -7.61 15.94
C LEU A 186 30.17 -7.29 17.35
N GLY A 187 31.07 -6.75 18.17
CA GLY A 187 30.75 -6.40 19.55
C GLY A 187 30.62 -4.89 19.72
N LEU A 188 29.66 -4.47 20.54
CA LEU A 188 29.41 -3.08 20.82
C LEU A 188 29.41 -2.86 22.33
N ASP A 189 30.29 -1.98 22.81
CA ASP A 189 30.37 -1.57 24.21
C ASP A 189 30.08 -0.07 24.21
N CYS A 190 28.87 0.30 24.60
CA CYS A 190 28.40 1.67 24.48
C CYS A 190 28.34 2.32 25.86
N GLU A 191 28.13 3.64 25.84
CA GLU A 191 28.08 4.46 27.05
C GLU A 191 26.72 5.16 27.10
N PRO A 192 25.66 4.44 27.49
CA PRO A 192 24.34 5.07 27.56
C PRO A 192 24.23 6.14 28.65
N ARG A 193 25.07 6.08 29.67
CA ARG A 193 25.11 7.13 30.69
C ARG A 193 25.30 8.50 30.05
N THR A 194 26.14 8.58 29.01
CA THR A 194 26.32 9.83 28.29
C THR A 194 25.00 10.35 27.74
N GLY A 195 24.79 11.64 27.89
CA GLY A 195 23.64 12.29 27.28
C GLY A 195 22.98 13.23 28.26
N LEU A 196 21.71 13.51 28.00
CA LEU A 196 20.95 14.44 28.83
C LEU A 196 20.43 13.74 30.07
N ASP A 197 20.49 14.43 31.20
CA ASP A 197 20.17 13.84 32.49
C ASP A 197 18.66 13.90 32.71
N PHE A 198 18.05 12.73 32.96
CA PHE A 198 16.60 12.64 33.13
C PHE A 198 16.20 12.86 34.57
N SER A 199 17.15 13.22 35.44
CA SER A 199 16.85 13.50 36.84
C SER A 199 15.79 14.58 36.98
N ASP A 200 15.78 15.56 36.07
CA ASP A 200 14.83 16.66 36.11
C ASP A 200 14.08 16.81 34.78
N LEU A 201 13.79 15.69 34.10
CA LEU A 201 13.08 15.73 32.83
C LEU A 201 11.78 14.94 32.92
N TYR A 202 10.69 15.56 32.45
CA TYR A 202 9.38 14.95 32.35
C TYR A 202 8.97 14.81 30.89
N TYR A 203 8.08 13.85 30.64
CA TYR A 203 7.48 13.62 29.33
C TYR A 203 6.08 14.23 29.32
N LEU A 204 5.92 15.32 28.57
CA LEU A 204 4.68 16.09 28.55
C LEU A 204 3.88 15.75 27.30
N THR A 205 2.60 15.45 27.50
CA THR A 205 1.69 15.12 26.41
C THR A 205 0.52 16.09 26.45
N MET A 206 0.22 16.72 25.32
CA MET A 206 -0.97 17.55 25.23
C MET A 206 -1.48 17.54 23.79
N ASN A 207 -2.76 17.22 23.63
CA ASN A 207 -3.43 17.19 22.33
C ASN A 207 -2.65 16.35 21.33
N ASN A 208 -2.16 15.19 21.79
CA ASN A 208 -1.42 14.22 20.98
C ASN A 208 -0.08 14.76 20.48
N LYS A 209 0.44 15.81 21.07
CA LYS A 209 1.80 16.28 20.82
C LYS A 209 2.63 16.08 22.08
N HIS A 210 3.94 15.84 21.91
CA HIS A 210 4.76 15.39 23.03
C HIS A 210 6.09 16.16 23.10
N TRP A 211 6.52 16.45 24.33
CA TRP A 211 7.77 17.16 24.57
C TRP A 211 8.49 16.55 25.76
N LEU A 212 9.76 16.88 25.88
CA LEU A 212 10.54 16.67 27.09
C LEU A 212 10.75 18.03 27.74
N VAL A 213 10.31 18.17 28.99
CA VAL A 213 10.37 19.45 29.69
C VAL A 213 11.13 19.27 31.00
N HIS A 214 11.56 20.39 31.56
CA HIS A 214 12.24 20.37 32.85
C HIS A 214 11.23 20.18 33.98
N LYS A 215 11.67 19.54 35.05
CA LYS A 215 10.76 19.17 36.13
C LYS A 215 10.29 20.42 36.89
N GLU A 216 11.20 21.35 37.19
CA GLU A 216 10.83 22.53 37.97
C GLU A 216 9.86 23.41 37.18
N TRP A 217 10.16 23.64 35.90
CA TRP A 217 9.22 24.39 35.07
C TRP A 217 7.84 23.74 35.09
N PHE A 218 7.78 22.41 35.00
CA PHE A 218 6.49 21.72 34.98
C PHE A 218 5.75 21.89 36.29
N HIS A 219 6.46 21.84 37.43
CA HIS A 219 5.80 21.98 38.72
C HIS A 219 5.30 23.40 38.96
N ASP A 220 5.83 24.40 38.26
CA ASP A 220 5.51 25.79 38.51
C ASP A 220 4.51 26.37 37.51
N ILE A 221 3.96 25.55 36.61
CA ILE A 221 3.03 26.15 35.65
C ILE A 221 1.73 26.49 36.35
N PRO A 222 1.14 27.65 36.11
CA PRO A 222 -0.05 28.11 36.86
C PRO A 222 -1.36 27.63 36.24
N LEU A 223 -1.65 26.36 36.41
CA LEU A 223 -2.87 25.75 35.90
C LEU A 223 -3.44 24.82 36.95
N PRO A 224 -4.73 24.49 36.84
CA PRO A 224 -5.29 23.46 37.71
C PRO A 224 -4.65 22.11 37.41
N TRP A 225 -4.52 21.28 38.44
CA TRP A 225 -3.79 20.03 38.28
C TRP A 225 -4.35 18.97 39.21
N HIS A 226 -4.35 17.72 38.73
CA HIS A 226 -4.68 16.58 39.55
C HIS A 226 -3.52 15.58 39.58
N ALA A 227 -3.46 14.82 40.66
CA ALA A 227 -2.31 13.99 40.97
C ALA A 227 -2.25 12.79 40.04
N GLY A 228 -1.03 12.30 39.81
CA GLY A 228 -0.84 11.21 38.86
C GLY A 228 -1.68 9.99 39.18
N ALA A 229 -1.82 9.68 40.47
CA ALA A 229 -2.58 8.51 40.90
C ALA A 229 -4.07 8.76 40.97
N ASP A 230 -4.53 9.98 40.69
CA ASP A 230 -5.95 10.30 40.67
C ASP A 230 -6.57 9.73 39.39
N THR A 231 -7.38 8.70 39.53
CA THR A 231 -8.02 8.03 38.40
C THR A 231 -9.51 8.33 38.37
N GLY A 232 -10.13 7.95 37.26
CA GLY A 232 -11.55 8.20 37.11
C GLY A 232 -11.85 9.69 37.11
N THR A 233 -12.86 10.08 37.88
CA THR A 233 -13.24 11.49 37.96
C THR A 233 -12.15 12.27 38.69
N PRO A 234 -11.55 13.28 38.07
CA PRO A 234 -10.41 13.95 38.67
C PRO A 234 -10.84 14.96 39.74
N HIS A 235 -9.92 15.21 40.66
CA HIS A 235 -10.07 16.25 41.67
C HIS A 235 -9.05 17.34 41.38
N TRP A 236 -9.55 18.52 40.99
CA TRP A 236 -8.71 19.58 40.44
C TRP A 236 -8.26 20.54 41.53
N ASN A 237 -6.96 20.64 41.72
CA ASN A 237 -6.36 21.64 42.60
C ASN A 237 -6.15 22.94 41.85
N ASN A 238 -6.19 24.05 42.58
CA ASN A 238 -5.90 25.37 42.02
C ASN A 238 -6.84 25.68 40.86
N LYS A 239 -8.13 25.40 41.02
CA LYS A 239 -9.09 25.69 39.96
C LYS A 239 -9.19 27.18 39.69
N GLU A 240 -8.85 28.01 40.69
CA GLU A 240 -8.87 29.46 40.53
C GLU A 240 -7.91 29.96 39.46
N ALA A 241 -6.99 29.12 38.98
CA ALA A 241 -6.10 29.52 37.89
C ALA A 241 -6.85 29.69 36.57
N LEU A 242 -8.02 29.06 36.44
CA LEU A 242 -8.82 29.16 35.23
C LEU A 242 -10.21 29.71 35.48
N VAL A 243 -10.53 30.10 36.71
CA VAL A 243 -11.86 30.59 37.09
C VAL A 243 -11.70 31.88 37.86
N GLU A 244 -12.47 32.90 37.51
CA GLU A 244 -12.38 34.19 38.20
C GLU A 244 -13.77 34.78 38.37
N PHE A 245 -13.94 35.53 39.45
CA PHE A 245 -15.21 36.16 39.80
C PHE A 245 -15.10 37.66 39.60
N LYS A 246 -16.10 38.22 38.94
CA LYS A 246 -16.18 39.65 38.71
C LYS A 246 -17.50 40.15 39.27
N ASP A 247 -17.47 41.33 39.86
CA ASP A 247 -18.66 41.96 40.40
C ASP A 247 -19.09 43.08 39.47
N ALA A 248 -20.40 43.37 39.50
CA ALA A 248 -20.99 44.42 38.69
C ALA A 248 -21.97 45.18 39.58
N HIS A 249 -21.61 46.43 39.86
CA HIS A 249 -22.52 47.48 40.37
C HIS A 249 -23.19 47.09 41.67
N ALA A 250 -22.46 46.36 42.52
CA ALA A 250 -22.99 45.88 43.80
C ALA A 250 -24.36 45.22 43.62
N LYS A 251 -24.65 44.79 42.40
CA LYS A 251 -25.82 43.98 42.11
C LYS A 251 -25.45 42.51 41.91
N ARG A 252 -24.60 42.18 40.94
CA ARG A 252 -24.35 40.75 40.79
C ARG A 252 -22.86 40.46 40.77
N GLN A 253 -22.52 39.20 40.97
CA GLN A 253 -21.21 38.69 40.63
C GLN A 253 -21.40 37.52 39.68
N THR A 254 -20.52 37.44 38.70
CA THR A 254 -20.54 36.36 37.73
C THR A 254 -19.16 35.73 37.70
N VAL A 255 -19.13 34.47 37.29
CA VAL A 255 -17.91 33.69 37.25
C VAL A 255 -17.59 33.38 35.78
N VAL A 256 -16.37 33.67 35.38
CA VAL A 256 -15.93 33.39 34.03
C VAL A 256 -14.77 32.41 34.07
N VAL A 257 -14.67 31.59 33.03
CA VAL A 257 -13.55 30.69 32.83
C VAL A 257 -12.62 31.31 31.79
N LEU A 258 -11.32 31.28 32.08
CA LEU A 258 -10.33 31.73 31.11
C LEU A 258 -10.31 30.79 29.91
N GLY A 259 -9.92 31.32 28.76
CA GLY A 259 -9.86 30.52 27.55
C GLY A 259 -8.76 29.49 27.60
N SER A 260 -8.74 28.63 26.58
CA SER A 260 -7.70 27.62 26.46
C SER A 260 -6.32 28.25 26.51
N GLN A 261 -5.45 27.68 27.33
CA GLN A 261 -4.07 28.13 27.40
C GLN A 261 -3.17 27.28 26.52
N GLU A 262 -3.75 26.49 25.62
CA GLU A 262 -2.99 25.64 24.71
C GLU A 262 -1.95 26.44 23.94
N GLY A 263 -2.34 27.60 23.42
CA GLY A 263 -1.38 28.44 22.72
C GLY A 263 -0.27 28.91 23.62
N ALA A 264 -0.59 29.25 24.87
CA ALA A 264 0.42 29.77 25.79
C ALA A 264 1.49 28.73 26.09
N VAL A 265 1.05 27.50 26.37
CA VAL A 265 2.02 26.44 26.66
C VAL A 265 2.83 26.11 25.41
N HIS A 266 2.15 25.99 24.25
CA HIS A 266 2.86 25.80 23.00
C HIS A 266 3.93 26.86 22.81
N THR A 267 3.63 28.10 23.20
CA THR A 267 4.60 29.19 23.09
C THR A 267 5.74 29.00 24.08
N ALA A 268 5.42 28.64 25.32
CA ALA A 268 6.45 28.35 26.31
C ALA A 268 7.27 27.12 25.94
N LEU A 269 6.76 26.27 25.06
CA LEU A 269 7.46 25.06 24.64
C LEU A 269 8.22 25.24 23.34
N ALA A 270 8.42 26.48 22.88
CA ALA A 270 9.15 26.69 21.63
C ALA A 270 10.59 26.23 21.74
N GLY A 271 11.24 26.54 22.86
CA GLY A 271 12.59 26.07 23.09
C GLY A 271 12.61 24.80 23.91
N ALA A 272 12.05 23.72 23.36
CA ALA A 272 11.95 22.46 24.08
C ALA A 272 12.08 21.32 23.09
N LEU A 273 12.50 20.16 23.60
CA LEU A 273 12.72 18.99 22.77
C LEU A 273 11.41 18.28 22.46
N GLU A 274 11.25 17.87 21.22
CA GLU A 274 10.04 17.19 20.74
C GLU A 274 10.17 15.68 20.89
N ALA A 275 9.01 15.01 20.93
CA ALA A 275 8.95 13.56 21.02
C ALA A 275 7.72 13.06 20.28
N GLU A 276 7.60 11.74 20.16
CA GLU A 276 6.42 11.10 19.61
C GLU A 276 6.09 9.90 20.50
N MET A 277 4.99 9.21 20.20
CA MET A 277 4.67 8.01 20.97
C MET A 277 4.20 6.92 20.02
N ASP A 278 4.74 5.72 20.21
CA ASP A 278 4.25 4.51 19.57
C ASP A 278 3.59 3.68 20.67
N GLY A 279 2.26 3.64 20.66
CA GLY A 279 1.54 2.94 21.72
C GLY A 279 1.85 3.56 23.07
N ALA A 280 2.05 2.70 24.06
CA ALA A 280 2.42 3.15 25.40
C ALA A 280 3.90 3.48 25.51
N LYS A 281 4.66 3.37 24.43
CA LYS A 281 6.09 3.65 24.45
C LYS A 281 6.35 5.04 23.88
N GLY A 282 7.28 5.77 24.50
CA GLY A 282 7.68 7.07 23.99
C GLY A 282 8.89 6.94 23.08
N ARG A 283 8.85 7.64 21.95
CA ARG A 283 9.90 7.62 20.95
C ARG A 283 10.56 8.99 20.91
N LEU A 284 11.90 9.00 20.96
CA LEU A 284 12.69 10.21 20.91
C LEU A 284 13.43 10.27 19.58
N SER A 285 13.41 11.45 18.97
CA SER A 285 14.14 11.70 17.72
C SER A 285 15.29 12.67 17.95
N SER A 286 15.91 12.59 19.13
CA SER A 286 17.02 13.47 19.45
C SER A 286 17.90 12.79 20.49
N GLY A 287 19.20 13.03 20.38
CA GLY A 287 20.19 12.44 21.25
C GLY A 287 21.29 11.75 20.48
N HIS A 288 22.27 11.24 21.22
CA HIS A 288 23.43 10.58 20.63
C HIS A 288 23.85 9.42 21.54
N LEU A 289 24.89 8.71 21.11
CA LEU A 289 25.34 7.53 21.83
C LEU A 289 26.76 7.19 21.42
N LYS A 290 27.68 7.17 22.38
CA LYS A 290 29.09 6.87 22.12
C LYS A 290 29.33 5.38 22.32
N CYS A 291 29.96 4.74 21.32
CA CYS A 291 30.21 3.31 21.39
C CYS A 291 31.64 3.00 21.00
N ARG A 292 32.10 1.84 21.46
CA ARG A 292 33.38 1.26 21.06
C ARG A 292 33.06 -0.14 20.56
N LEU A 293 33.29 -0.38 19.28
CA LEU A 293 32.98 -1.67 18.67
C LEU A 293 34.26 -2.49 18.52
N LYS A 294 34.24 -3.70 19.08
CA LYS A 294 35.33 -4.65 18.93
C LYS A 294 35.02 -5.56 17.75
N MET A 295 36.00 -5.68 16.84
CA MET A 295 35.83 -6.37 15.57
C MET A 295 36.76 -7.57 15.43
N ASP A 296 37.31 -8.06 16.54
CA ASP A 296 38.21 -9.21 16.47
C ASP A 296 37.52 -10.42 15.84
N LYS A 297 36.20 -10.55 16.02
CA LYS A 297 35.44 -11.66 15.46
C LYS A 297 34.84 -11.33 14.09
N LEU A 298 35.05 -10.13 13.57
CA LEU A 298 34.55 -9.77 12.25
C LEU A 298 35.48 -10.33 11.18
N ARG A 299 34.88 -10.90 10.13
CA ARG A 299 35.65 -11.56 9.08
C ARG A 299 35.07 -11.22 7.71
N LEU A 300 35.90 -11.38 6.70
CA LEU A 300 35.47 -11.22 5.32
C LEU A 300 34.92 -12.55 4.81
N LYS A 301 33.67 -12.54 4.35
CA LYS A 301 33.03 -13.79 3.96
C LYS A 301 33.67 -14.40 2.72
N GLY A 302 33.84 -13.59 1.68
CA GLY A 302 34.26 -14.11 0.39
C GLY A 302 35.71 -13.85 0.03
N VAL A 303 36.57 -13.69 1.03
CA VAL A 303 37.99 -13.45 0.77
C VAL A 303 38.65 -14.65 0.11
N SER A 304 38.03 -15.83 0.18
CA SER A 304 38.61 -17.05 -0.37
C SER A 304 38.06 -17.41 -1.75
N TYR A 305 37.09 -16.65 -2.26
CA TYR A 305 36.55 -16.94 -3.58
C TYR A 305 37.62 -16.80 -4.66
N SER A 306 37.43 -17.50 -5.77
CA SER A 306 38.24 -17.24 -6.95
C SER A 306 37.56 -16.15 -7.79
N LEU A 307 38.34 -15.54 -8.68
CA LEU A 307 37.83 -14.38 -9.40
C LEU A 307 36.78 -14.77 -10.44
N CYS A 308 35.82 -13.88 -10.64
CA CYS A 308 34.84 -14.07 -11.71
C CYS A 308 35.53 -13.96 -13.06
N THR A 309 35.13 -14.83 -13.99
CA THR A 309 35.75 -14.87 -15.31
C THR A 309 34.86 -14.35 -16.42
N ALA A 310 33.54 -14.28 -16.21
CA ALA A 310 32.62 -13.86 -17.26
C ALA A 310 32.56 -12.34 -17.31
N ALA A 311 31.63 -11.81 -18.11
CA ALA A 311 31.50 -10.39 -18.35
C ALA A 311 30.43 -9.78 -17.47
N PHE A 312 30.65 -8.52 -17.08
CA PHE A 312 29.69 -7.74 -16.31
C PHE A 312 28.99 -6.73 -17.21
N THR A 313 27.86 -6.22 -16.72
CA THR A 313 27.06 -5.28 -17.50
C THR A 313 26.42 -4.28 -16.55
N PHE A 314 26.64 -2.99 -16.78
CA PHE A 314 25.96 -1.97 -15.98
C PHE A 314 24.46 -2.09 -16.17
N THR A 315 23.73 -2.29 -15.07
CA THR A 315 22.28 -2.24 -15.11
C THR A 315 21.73 -0.87 -14.76
N LYS A 316 22.54 -0.05 -14.10
CA LYS A 316 22.21 1.34 -13.84
C LYS A 316 23.46 2.19 -14.10
N ILE A 317 23.23 3.48 -14.32
CA ILE A 317 24.33 4.42 -14.53
C ILE A 317 24.98 4.73 -13.19
N PRO A 318 26.30 4.55 -13.06
CA PRO A 318 26.96 4.90 -11.79
C PRO A 318 26.63 6.31 -11.35
N ALA A 319 26.36 6.47 -10.06
CA ALA A 319 25.81 7.70 -9.51
C ALA A 319 26.67 8.20 -8.36
N GLU A 320 26.87 9.52 -8.34
CA GLU A 320 27.67 10.18 -7.31
C GLU A 320 26.80 10.46 -6.09
N THR A 321 27.27 10.04 -4.92
CA THR A 321 26.62 10.40 -3.68
C THR A 321 27.08 11.79 -3.24
N LEU A 322 26.42 12.31 -2.21
CA LEU A 322 26.67 13.69 -1.81
C LEU A 322 28.08 13.90 -1.28
N HIS A 323 28.80 12.82 -0.96
CA HIS A 323 30.16 12.93 -0.43
C HIS A 323 31.23 12.67 -1.49
N GLY A 324 30.84 12.51 -2.75
CA GLY A 324 31.81 12.25 -3.81
C GLY A 324 32.11 10.80 -4.07
N THR A 325 31.52 9.88 -3.30
CA THR A 325 31.63 8.45 -3.53
C THR A 325 30.74 8.04 -4.71
N VAL A 326 31.02 6.87 -5.27
CA VAL A 326 30.30 6.41 -6.46
C VAL A 326 29.69 5.04 -6.21
N THR A 327 28.48 4.84 -6.72
CA THR A 327 27.77 3.57 -6.63
C THR A 327 27.77 2.91 -7.99
N VAL A 328 28.06 1.61 -8.03
CA VAL A 328 28.04 0.85 -9.27
C VAL A 328 27.24 -0.43 -9.05
N GLU A 329 26.24 -0.65 -9.91
CA GLU A 329 25.42 -1.85 -9.90
C GLU A 329 25.66 -2.58 -11.23
N VAL A 330 25.99 -3.86 -11.15
CA VAL A 330 26.29 -4.63 -12.35
C VAL A 330 25.52 -5.94 -12.32
N GLN A 331 25.34 -6.50 -13.51
CA GLN A 331 24.74 -7.80 -13.74
C GLN A 331 25.81 -8.74 -14.29
N TYR A 332 25.78 -9.99 -13.85
CA TYR A 332 26.75 -11.00 -14.20
C TYR A 332 26.04 -12.13 -14.94
N ALA A 333 26.54 -12.46 -16.12
CA ALA A 333 25.95 -13.48 -16.97
C ALA A 333 26.64 -14.83 -16.87
N GLY A 334 27.56 -14.99 -15.92
CA GLY A 334 28.27 -16.24 -15.74
C GLY A 334 27.62 -17.14 -14.70
N THR A 335 28.21 -18.33 -14.55
CA THR A 335 27.71 -19.34 -13.64
C THR A 335 28.74 -19.81 -12.62
N ASP A 336 29.96 -19.26 -12.64
CA ASP A 336 31.00 -19.67 -11.71
C ASP A 336 30.87 -19.03 -10.34
N GLY A 337 29.76 -18.37 -10.04
CA GLY A 337 29.54 -17.81 -8.73
C GLY A 337 29.44 -18.88 -7.68
N PRO A 338 29.88 -18.59 -6.45
CA PRO A 338 30.36 -17.27 -5.98
C PRO A 338 31.80 -16.96 -6.37
N CYS A 339 32.08 -15.68 -6.63
CA CYS A 339 33.38 -15.28 -7.12
C CYS A 339 33.63 -13.81 -6.80
N LYS A 340 34.90 -13.43 -6.76
CA LYS A 340 35.28 -12.04 -6.55
C LYS A 340 35.05 -11.22 -7.82
N VAL A 341 34.51 -10.02 -7.66
CA VAL A 341 34.29 -9.11 -8.78
C VAL A 341 35.56 -8.28 -8.95
N PRO A 342 36.20 -8.33 -10.12
CA PRO A 342 37.33 -7.42 -10.38
C PRO A 342 36.81 -6.00 -10.54
N ALA A 343 37.24 -5.12 -9.64
CA ALA A 343 36.74 -3.75 -9.65
C ALA A 343 37.84 -2.82 -9.15
N GLN A 344 38.08 -1.74 -9.89
CA GLN A 344 39.21 -0.88 -9.63
C GLN A 344 38.98 0.46 -10.31
N MET A 345 39.87 1.41 -10.04
CA MET A 345 39.91 2.68 -10.73
C MET A 345 41.30 2.91 -11.28
N ALA A 346 41.38 3.50 -12.47
CA ALA A 346 42.67 3.72 -13.10
C ALA A 346 42.62 4.95 -13.98
N VAL A 347 43.71 5.71 -13.99
CA VAL A 347 43.83 6.80 -14.95
C VAL A 347 44.49 6.35 -16.25
N ASP A 348 45.22 5.25 -16.23
CA ASP A 348 45.95 4.75 -17.40
C ASP A 348 45.45 3.35 -17.71
N MET A 349 44.73 3.20 -18.83
CA MET A 349 44.17 1.91 -19.20
C MET A 349 45.23 0.89 -19.60
N GLN A 350 46.50 1.28 -19.68
CA GLN A 350 47.56 0.35 -20.04
C GLN A 350 48.20 -0.26 -18.80
N THR A 351 48.65 0.57 -17.86
CA THR A 351 49.26 0.04 -16.65
C THR A 351 48.22 -0.62 -15.75
N LEU A 352 47.00 -0.08 -15.73
CA LEU A 352 45.99 -0.44 -14.74
C LEU A 352 46.53 -0.31 -13.32
N THR A 353 47.38 0.69 -13.09
CA THR A 353 47.88 0.96 -11.76
C THR A 353 46.74 1.46 -10.88
N PRO A 354 46.53 0.87 -9.70
CA PRO A 354 45.39 1.27 -8.87
C PRO A 354 45.50 2.72 -8.39
N VAL A 355 44.41 3.46 -8.54
CA VAL A 355 44.28 4.81 -8.00
C VAL A 355 43.01 4.84 -7.16
N GLY A 356 43.00 5.74 -6.18
CA GLY A 356 41.86 5.79 -5.28
C GLY A 356 41.79 4.54 -4.40
N ARG A 357 40.60 4.31 -3.86
CA ARG A 357 40.37 3.11 -3.05
C ARG A 357 38.91 2.70 -3.14
N LEU A 358 38.65 1.50 -2.63
CA LEU A 358 37.32 0.93 -2.60
C LEU A 358 36.71 1.17 -1.22
N ILE A 359 35.41 1.43 -1.18
CA ILE A 359 34.71 1.55 0.10
C ILE A 359 34.17 0.19 0.56
N THR A 360 33.49 -0.53 -0.32
CA THR A 360 33.02 -1.87 -0.02
C THR A 360 34.19 -2.84 -0.20
N ALA A 361 34.73 -3.34 0.90
CA ALA A 361 35.80 -4.32 0.80
C ALA A 361 35.25 -5.65 0.26
N ASN A 362 36.06 -6.31 -0.54
CA ASN A 362 35.72 -7.63 -1.09
C ASN A 362 34.35 -7.65 -1.78
N PRO A 363 34.18 -6.89 -2.86
CA PRO A 363 32.97 -7.05 -3.67
C PRO A 363 32.93 -8.43 -4.30
N VAL A 364 31.75 -9.05 -4.28
CA VAL A 364 31.62 -10.43 -4.72
C VAL A 364 30.23 -10.66 -5.31
N ILE A 365 30.18 -11.50 -6.33
CA ILE A 365 28.94 -12.13 -6.78
C ILE A 365 28.80 -13.44 -6.02
N THR A 366 27.62 -13.69 -5.46
CA THR A 366 27.42 -14.87 -4.62
C THR A 366 26.61 -15.97 -5.27
N GLU A 367 25.63 -15.63 -6.10
CA GLU A 367 24.79 -16.67 -6.70
C GLU A 367 25.57 -17.45 -7.77
N SER A 368 25.29 -18.74 -7.84
CA SER A 368 25.77 -19.59 -8.91
C SER A 368 24.88 -19.54 -10.15
N THR A 369 23.66 -19.03 -10.01
CA THR A 369 22.76 -18.89 -11.14
C THR A 369 23.20 -17.73 -12.04
N GLU A 370 22.75 -17.77 -13.29
CA GLU A 370 23.17 -16.78 -14.26
C GLU A 370 22.37 -15.48 -14.11
N ASN A 371 22.98 -14.39 -14.58
CA ASN A 371 22.34 -13.07 -14.64
C ASN A 371 21.99 -12.56 -13.24
N SER A 372 22.95 -12.60 -12.34
CA SER A 372 22.75 -12.12 -10.96
C SER A 372 23.42 -10.77 -10.78
N LYS A 373 22.79 -9.91 -9.98
CA LYS A 373 23.25 -8.54 -9.86
C LYS A 373 23.97 -8.32 -8.53
N MET A 374 24.81 -7.28 -8.50
CA MET A 374 25.53 -6.88 -7.30
C MET A 374 25.73 -5.37 -7.33
N MET A 375 26.11 -4.82 -6.18
CA MET A 375 26.37 -3.39 -6.03
C MET A 375 27.58 -3.17 -5.14
N LEU A 376 28.46 -2.27 -5.59
CA LEU A 376 29.64 -1.88 -4.81
C LEU A 376 29.77 -0.37 -4.85
N GLU A 377 30.68 0.13 -4.01
CA GLU A 377 30.83 1.57 -3.79
C GLU A 377 32.32 1.90 -3.78
N LEU A 378 32.71 2.93 -4.53
CA LEU A 378 34.11 3.27 -4.75
C LEU A 378 34.39 4.71 -4.35
N ASP A 379 35.62 4.94 -3.87
CA ASP A 379 36.10 6.25 -3.43
C ASP A 379 37.17 6.76 -4.39
N PRO A 380 36.79 7.41 -5.49
CA PRO A 380 37.75 7.75 -6.55
C PRO A 380 38.67 8.87 -6.13
N PRO A 381 39.79 9.07 -6.84
CA PRO A 381 40.63 10.23 -6.58
C PRO A 381 40.02 11.49 -7.19
N PHE A 382 40.51 12.63 -6.71
CA PHE A 382 40.05 13.91 -7.24
C PHE A 382 40.49 14.07 -8.70
N GLY A 383 39.57 14.56 -9.53
CA GLY A 383 39.87 14.72 -10.93
C GLY A 383 39.27 13.65 -11.80
N ASP A 384 39.94 13.29 -12.89
CA ASP A 384 39.45 12.30 -13.84
C ASP A 384 39.98 10.91 -13.50
N SER A 385 39.16 9.90 -13.73
CA SER A 385 39.56 8.51 -13.56
C SER A 385 38.62 7.65 -14.37
N TYR A 386 38.96 6.36 -14.49
CA TYR A 386 38.13 5.38 -15.18
C TYR A 386 37.76 4.29 -14.19
N ILE A 387 36.45 4.05 -14.05
CA ILE A 387 35.93 2.89 -13.33
C ILE A 387 36.12 1.69 -14.24
N VAL A 388 36.91 0.70 -13.79
CA VAL A 388 37.18 -0.50 -14.56
C VAL A 388 36.65 -1.70 -13.79
N ILE A 389 35.73 -2.44 -14.41
CA ILE A 389 35.18 -3.66 -13.84
C ILE A 389 35.45 -4.81 -14.80
N GLY A 390 36.05 -5.87 -14.29
CA GLY A 390 36.35 -7.04 -15.09
C GLY A 390 37.81 -7.12 -15.47
N VAL A 391 38.13 -8.16 -16.22
CA VAL A 391 39.49 -8.48 -16.63
C VAL A 391 39.49 -8.81 -18.12
N GLY A 392 40.53 -8.40 -18.82
CA GLY A 392 40.75 -8.84 -20.19
C GLY A 392 39.92 -8.08 -21.21
N GLU A 393 39.49 -8.80 -22.24
CA GLU A 393 38.84 -8.17 -23.39
C GLU A 393 37.46 -7.62 -23.03
N LYS A 394 36.72 -8.34 -22.19
CA LYS A 394 35.33 -8.01 -21.91
C LYS A 394 35.17 -7.02 -20.75
N LYS A 395 36.27 -6.50 -20.20
CA LYS A 395 36.17 -5.54 -19.11
C LYS A 395 35.41 -4.31 -19.57
N ILE A 396 34.66 -3.72 -18.65
CA ILE A 396 33.86 -2.53 -18.94
C ILE A 396 34.46 -1.34 -18.18
N THR A 397 34.30 -0.16 -18.79
CA THR A 397 34.86 1.06 -18.24
C THR A 397 33.81 2.16 -18.26
N HIS A 398 33.95 3.09 -17.33
CA HIS A 398 33.10 4.29 -17.28
C HIS A 398 33.94 5.45 -16.75
N HIS A 399 34.15 6.47 -17.57
CA HIS A 399 34.97 7.59 -17.15
C HIS A 399 34.20 8.46 -16.18
N TRP A 400 34.80 8.72 -15.02
CA TRP A 400 34.16 9.48 -13.96
C TRP A 400 35.09 10.60 -13.50
N HIS A 401 34.51 11.78 -13.29
CA HIS A 401 35.27 12.95 -12.84
C HIS A 401 34.65 13.49 -11.55
N ARG A 402 35.49 13.71 -10.55
CA ARG A 402 35.08 14.26 -9.26
C ARG A 402 35.71 15.63 -9.08
N SER A 403 34.87 16.66 -8.95
CA SER A 403 35.32 18.03 -8.69
C SER A 403 36.30 18.52 -9.76
N GLU B 1 7.16 -19.16 5.87
CA GLU B 1 6.35 -18.99 4.66
C GLU B 1 5.33 -17.85 4.85
N VAL B 2 5.37 -16.89 3.94
CA VAL B 2 4.48 -15.72 4.02
C VAL B 2 3.13 -16.06 3.41
N GLN B 3 2.06 -15.78 4.16
CA GLN B 3 0.70 -16.02 3.68
C GLN B 3 -0.20 -14.87 4.10
N LEU B 4 -1.09 -14.48 3.19
CA LEU B 4 -2.15 -13.51 3.46
C LEU B 4 -3.49 -14.15 3.13
N VAL B 5 -4.33 -14.32 4.15
CA VAL B 5 -5.60 -15.00 4.00
C VAL B 5 -6.71 -13.99 4.24
N GLU B 6 -7.66 -13.90 3.31
CA GLU B 6 -8.70 -12.89 3.37
C GLU B 6 -10.07 -13.53 3.58
N SER B 7 -11.02 -12.71 4.04
CA SER B 7 -12.33 -13.21 4.43
C SER B 7 -13.13 -13.66 3.20
N GLY B 8 -14.23 -14.37 3.47
CA GLY B 8 -15.01 -14.95 2.39
C GLY B 8 -15.70 -13.91 1.53
N ALA B 9 -16.25 -14.38 0.42
CA ALA B 9 -16.96 -13.52 -0.53
C ALA B 9 -18.22 -12.94 0.10
N GLU B 10 -18.64 -11.77 -0.40
CA GLU B 10 -19.80 -11.08 0.15
C GLU B 10 -20.71 -10.60 -0.97
N VAL B 11 -22.02 -10.58 -0.67
CA VAL B 11 -23.03 -9.99 -1.54
C VAL B 11 -23.78 -8.94 -0.73
N LYS B 12 -23.83 -7.71 -1.25
CA LYS B 12 -24.45 -6.60 -0.55
C LYS B 12 -25.17 -5.70 -1.55
N LYS B 13 -26.05 -4.84 -1.02
CA LYS B 13 -26.88 -3.93 -1.79
C LYS B 13 -26.19 -2.59 -1.98
N PRO B 14 -26.52 -1.85 -3.03
CA PRO B 14 -25.98 -0.50 -3.18
C PRO B 14 -26.35 0.40 -2.01
N GLY B 15 -25.42 1.24 -1.61
CA GLY B 15 -25.58 2.08 -0.44
C GLY B 15 -25.24 1.40 0.87
N ALA B 16 -24.89 0.13 0.84
CA ALA B 16 -24.50 -0.59 2.05
C ALA B 16 -23.02 -0.32 2.33
N SER B 17 -22.45 -1.07 3.27
CA SER B 17 -21.05 -0.97 3.61
C SER B 17 -20.47 -2.37 3.77
N VAL B 18 -19.26 -2.57 3.27
CA VAL B 18 -18.56 -3.85 3.38
C VAL B 18 -17.26 -3.64 4.14
N LYS B 19 -16.92 -4.60 5.00
CA LYS B 19 -15.61 -4.66 5.64
C LYS B 19 -15.00 -6.02 5.33
N VAL B 20 -13.90 -6.01 4.58
CA VAL B 20 -13.15 -7.22 4.25
C VAL B 20 -11.87 -7.23 5.08
N SER B 21 -11.45 -8.42 5.50
CA SER B 21 -10.28 -8.57 6.36
C SER B 21 -9.15 -9.26 5.62
N CYS B 22 -7.95 -9.11 6.17
CA CYS B 22 -6.72 -9.64 5.57
C CYS B 22 -5.79 -10.00 6.72
N LYS B 23 -5.69 -11.29 7.04
CA LYS B 23 -4.88 -11.79 8.14
C LYS B 23 -3.54 -12.26 7.59
N ALA B 24 -2.46 -11.76 8.18
CA ALA B 24 -1.11 -12.03 7.71
C ALA B 24 -0.41 -13.00 8.65
N SER B 25 0.27 -13.98 8.08
CA SER B 25 1.01 -14.95 8.87
C SER B 25 2.33 -15.27 8.16
N GLY B 26 3.29 -15.75 8.93
CA GLY B 26 4.60 -16.09 8.40
C GLY B 26 5.61 -14.96 8.45
N TYR B 27 5.19 -13.75 8.77
CA TYR B 27 6.12 -12.63 8.92
C TYR B 27 5.62 -11.71 10.02
N THR B 28 6.52 -10.86 10.49
CA THR B 28 6.21 -9.91 11.56
C THR B 28 5.26 -8.85 11.01
N PHE B 29 4.01 -8.88 11.47
CA PHE B 29 2.96 -8.04 10.90
C PHE B 29 3.26 -6.56 11.11
N THR B 30 3.83 -6.20 12.25
CA THR B 30 4.06 -4.81 12.61
C THR B 30 5.17 -4.14 11.79
N SER B 31 5.95 -4.93 11.05
CA SER B 31 7.03 -4.38 10.24
C SER B 31 6.59 -4.02 8.83
N TYR B 32 5.32 -4.17 8.49
CA TYR B 32 4.87 -4.03 7.11
C TYR B 32 3.61 -3.18 7.01
N ALA B 33 3.56 -2.37 5.97
CA ALA B 33 2.35 -1.66 5.57
C ALA B 33 1.53 -2.55 4.63
N MET B 34 0.22 -2.52 4.82
CA MET B 34 -0.71 -3.35 4.09
C MET B 34 -1.49 -2.47 3.12
N HIS B 35 -1.44 -2.79 1.84
CA HIS B 35 -2.14 -2.07 0.81
C HIS B 35 -3.38 -2.83 0.38
N TRP B 36 -4.37 -2.08 -0.10
CA TRP B 36 -5.57 -2.63 -0.69
C TRP B 36 -5.63 -2.17 -2.15
N VAL B 37 -5.67 -3.17 -3.05
CA VAL B 37 -5.77 -3.01 -4.50
C VAL B 37 -6.92 -3.88 -4.97
N ARG B 38 -7.79 -3.34 -5.81
CA ARG B 38 -8.97 -4.08 -6.26
C ARG B 38 -8.91 -4.32 -7.76
N GLN B 39 -9.82 -5.16 -8.24
CA GLN B 39 -9.85 -5.53 -9.65
C GLN B 39 -11.27 -5.95 -10.00
N ALA B 40 -11.95 -5.16 -10.84
CA ALA B 40 -13.22 -5.56 -11.39
C ALA B 40 -13.02 -6.72 -12.36
N PRO B 41 -14.04 -7.56 -12.55
CA PRO B 41 -13.88 -8.70 -13.46
C PRO B 41 -13.56 -8.23 -14.87
N GLY B 42 -12.47 -8.78 -15.42
CA GLY B 42 -12.01 -8.43 -16.75
C GLY B 42 -11.35 -7.08 -16.88
N GLN B 43 -11.13 -6.36 -15.78
CA GLN B 43 -10.60 -5.02 -15.79
C GLN B 43 -9.22 -5.00 -15.11
N ARG B 44 -8.61 -3.82 -15.07
CA ARG B 44 -7.26 -3.65 -14.54
C ARG B 44 -7.28 -3.57 -13.02
N LEU B 45 -6.08 -3.52 -12.45
CA LEU B 45 -5.90 -3.32 -11.02
C LEU B 45 -5.90 -1.84 -10.70
N GLU B 46 -6.50 -1.50 -9.55
CA GLU B 46 -6.65 -0.10 -9.15
C GLU B 46 -6.28 0.02 -7.67
N TRP B 47 -5.24 0.81 -7.40
CA TRP B 47 -4.77 0.95 -6.03
C TRP B 47 -5.74 1.77 -5.22
N MET B 48 -6.14 1.24 -4.07
CA MET B 48 -7.09 1.90 -3.19
C MET B 48 -6.42 2.63 -2.03
N GLY B 49 -5.51 1.97 -1.33
CA GLY B 49 -4.84 2.68 -0.26
C GLY B 49 -3.91 1.77 0.53
N TRP B 50 -3.41 2.31 1.64
CA TRP B 50 -2.56 1.52 2.51
C TRP B 50 -2.68 1.99 3.96
N ILE B 51 -2.28 1.08 4.85
CA ILE B 51 -2.28 1.27 6.29
C ILE B 51 -0.92 0.84 6.81
N ASN B 52 -0.30 1.68 7.63
CA ASN B 52 0.93 1.31 8.34
C ASN B 52 0.50 0.47 9.54
N ALA B 53 0.81 -0.83 9.50
CA ALA B 53 0.41 -1.71 10.59
C ALA B 53 1.08 -1.37 11.91
N GLY B 54 2.19 -0.63 11.88
CA GLY B 54 2.94 -0.35 13.08
C GLY B 54 2.42 0.81 13.90
N ASN B 55 1.92 1.86 13.24
CA ASN B 55 1.47 3.06 13.94
C ASN B 55 0.10 3.56 13.50
N GLY B 56 -0.55 2.90 12.55
CA GLY B 56 -1.93 3.20 12.21
C GLY B 56 -2.14 4.30 11.19
N ASN B 57 -1.08 4.95 10.71
CA ASN B 57 -1.25 5.96 9.68
C ASN B 57 -1.76 5.34 8.39
N THR B 58 -2.58 6.10 7.66
CA THR B 58 -3.17 5.63 6.43
C THR B 58 -2.81 6.56 5.28
N LYS B 59 -3.06 6.07 4.07
CA LYS B 59 -3.04 6.90 2.87
C LYS B 59 -4.04 6.32 1.89
N TYR B 60 -5.01 7.13 1.48
CA TYR B 60 -6.06 6.70 0.58
C TYR B 60 -5.89 7.36 -0.79
N SER B 61 -6.45 6.73 -1.81
CA SER B 61 -6.54 7.36 -3.11
C SER B 61 -7.58 8.46 -3.07
N GLN B 62 -7.27 9.59 -3.73
CA GLN B 62 -8.18 10.73 -3.67
C GLN B 62 -9.56 10.40 -4.20
N LYS B 63 -9.69 9.39 -5.07
CA LYS B 63 -11.00 8.99 -5.56
C LYS B 63 -11.79 8.18 -4.55
N PHE B 64 -11.13 7.59 -3.56
CA PHE B 64 -11.78 6.86 -2.49
C PHE B 64 -11.69 7.58 -1.15
N GLN B 65 -11.28 8.86 -1.14
CA GLN B 65 -10.86 9.53 0.08
C GLN B 65 -11.94 9.48 1.17
N ASP B 66 -13.21 9.58 0.78
CA ASP B 66 -14.29 9.70 1.76
C ASP B 66 -14.90 8.35 2.14
N ARG B 67 -14.99 7.43 1.18
CA ARG B 67 -15.78 6.21 1.39
C ARG B 67 -14.99 5.08 2.03
N VAL B 68 -13.67 5.12 2.02
CA VAL B 68 -12.85 4.02 2.52
C VAL B 68 -12.28 4.38 3.90
N THR B 69 -12.20 3.36 4.75
CA THR B 69 -11.52 3.43 6.03
C THR B 69 -10.67 2.18 6.17
N ILE B 70 -9.37 2.35 6.40
CA ILE B 70 -8.48 1.22 6.63
C ILE B 70 -8.05 1.22 8.08
N THR B 71 -8.12 0.05 8.72
CA THR B 71 -7.80 -0.07 10.12
C THR B 71 -7.04 -1.38 10.35
N ARG B 72 -6.67 -1.62 11.60
CA ARG B 72 -5.83 -2.78 11.92
C ARG B 72 -6.11 -3.23 13.34
N ASP B 73 -5.93 -4.54 13.56
CA ASP B 73 -5.83 -5.12 14.90
C ASP B 73 -4.47 -5.78 15.01
N THR B 74 -3.65 -5.29 15.94
CA THR B 74 -2.30 -5.80 16.08
C THR B 74 -2.28 -7.17 16.74
N SER B 75 -3.13 -7.39 17.74
CA SER B 75 -3.17 -8.68 18.42
C SER B 75 -3.56 -9.79 17.46
N ALA B 76 -4.48 -9.53 16.54
CA ALA B 76 -4.86 -10.50 15.54
C ALA B 76 -4.01 -10.43 14.28
N SER B 77 -3.13 -9.43 14.17
CA SER B 77 -2.31 -9.19 12.99
C SER B 77 -3.17 -9.16 11.74
N THR B 78 -4.24 -8.37 11.79
CA THR B 78 -5.23 -8.36 10.72
C THR B 78 -5.51 -6.93 10.28
N ALA B 79 -5.48 -6.69 8.97
CA ALA B 79 -5.87 -5.42 8.41
C ALA B 79 -7.32 -5.49 7.92
N TYR B 80 -8.01 -4.36 7.99
CA TYR B 80 -9.40 -4.27 7.58
C TYR B 80 -9.60 -3.14 6.61
N MET B 81 -10.41 -3.40 5.58
CA MET B 81 -10.79 -2.43 4.56
C MET B 81 -12.30 -2.28 4.62
N GLU B 82 -12.78 -1.04 4.81
CA GLU B 82 -14.20 -0.76 4.89
C GLU B 82 -14.58 0.24 3.81
N LEU B 83 -15.47 -0.18 2.91
CA LEU B 83 -15.98 0.67 1.84
C LEU B 83 -17.47 0.93 2.07
N SER B 84 -17.85 2.21 2.09
CA SER B 84 -19.22 2.63 2.34
C SER B 84 -19.82 3.25 1.09
N SER B 85 -21.14 3.50 1.17
CA SER B 85 -21.91 4.07 0.06
C SER B 85 -21.64 3.32 -1.23
N LEU B 86 -21.83 2.01 -1.17
CA LEU B 86 -21.50 1.14 -2.29
C LEU B 86 -22.37 1.45 -3.51
N ARG B 87 -21.77 1.28 -4.68
CA ARG B 87 -22.47 1.38 -5.95
C ARG B 87 -22.18 0.11 -6.74
N SER B 88 -22.90 -0.05 -7.86
CA SER B 88 -22.72 -1.25 -8.68
C SER B 88 -21.30 -1.39 -9.21
N GLU B 89 -20.57 -0.29 -9.31
CA GLU B 89 -19.21 -0.32 -9.86
C GLU B 89 -18.19 -0.91 -8.89
N ASP B 90 -18.57 -1.14 -7.63
CA ASP B 90 -17.63 -1.68 -6.66
C ASP B 90 -17.55 -3.20 -6.70
N THR B 91 -18.38 -3.87 -7.50
CA THR B 91 -18.31 -5.31 -7.68
C THR B 91 -16.93 -5.70 -8.18
N ALA B 92 -16.14 -6.40 -7.36
CA ALA B 92 -14.77 -6.68 -7.74
C ALA B 92 -14.13 -7.67 -6.77
N ILE B 93 -12.94 -8.13 -7.14
CA ILE B 93 -12.09 -8.89 -6.23
C ILE B 93 -11.13 -7.90 -5.56
N TYR B 94 -11.09 -7.95 -4.23
CA TYR B 94 -10.26 -7.04 -3.44
C TYR B 94 -9.11 -7.84 -2.87
N TYR B 95 -7.88 -7.44 -3.22
CA TYR B 95 -6.65 -8.03 -2.71
C TYR B 95 -5.98 -7.07 -1.73
N CYS B 96 -5.26 -7.65 -0.77
CA CYS B 96 -4.30 -6.94 0.05
C CYS B 96 -2.89 -7.37 -0.36
N ALA B 97 -1.93 -6.48 -0.13
CA ALA B 97 -0.56 -6.73 -0.55
C ALA B 97 0.39 -5.90 0.29
N ARG B 98 1.45 -6.51 0.79
CA ARG B 98 2.27 -5.83 1.77
C ARG B 98 3.46 -5.10 1.13
N ASP B 99 4.09 -4.24 1.93
CA ASP B 99 5.37 -3.65 1.60
C ASP B 99 6.04 -3.21 2.89
N LYS B 100 7.37 -3.27 2.92
CA LYS B 100 8.07 -3.12 4.18
C LYS B 100 8.11 -1.68 4.67
N VAL B 101 8.01 -1.51 5.98
CA VAL B 101 8.20 -0.23 6.63
C VAL B 101 9.68 -0.05 6.93
N ASP B 102 10.12 1.20 7.10
CA ASP B 102 11.54 1.40 7.33
C ASP B 102 11.91 0.98 8.75
N ASP B 103 13.19 1.09 9.07
CA ASP B 103 13.66 0.70 10.39
C ASP B 103 13.33 1.72 11.47
N TYR B 104 12.86 2.90 11.09
CA TYR B 104 12.34 3.89 12.02
C TYR B 104 10.84 3.75 12.26
N GLY B 105 10.19 2.81 11.60
CA GLY B 105 8.76 2.60 11.75
C GLY B 105 7.87 3.48 10.89
N ASP B 106 8.42 4.33 10.05
CA ASP B 106 7.64 5.19 9.17
C ASP B 106 7.50 4.57 7.79
N TYR B 107 6.35 4.80 7.15
CA TYR B 107 6.11 4.32 5.80
C TYR B 107 5.92 5.53 4.91
N TRP B 108 7.03 6.05 4.40
CA TRP B 108 7.01 7.23 3.56
C TRP B 108 7.28 6.91 2.09
N PHE B 109 8.44 6.34 1.80
CA PHE B 109 8.73 5.79 0.49
C PHE B 109 8.61 4.28 0.54
N PRO B 110 7.99 3.67 -0.46
CA PRO B 110 7.93 2.21 -0.48
C PRO B 110 9.30 1.62 -0.79
N THR B 111 9.41 0.32 -0.54
CA THR B 111 10.56 -0.41 -1.06
C THR B 111 10.38 -0.59 -2.56
N LEU B 112 11.51 -0.69 -3.27
CA LEU B 112 11.42 -0.89 -4.71
C LEU B 112 10.70 -2.20 -5.04
N TRP B 113 10.74 -3.17 -4.13
CA TRP B 113 10.06 -4.46 -4.32
C TRP B 113 8.67 -4.49 -3.71
N TYR B 114 7.99 -3.35 -3.69
CA TYR B 114 6.66 -3.27 -3.08
C TYR B 114 5.73 -4.30 -3.70
N PHE B 115 4.75 -4.73 -2.91
CA PHE B 115 3.74 -5.71 -3.31
C PHE B 115 4.37 -7.06 -3.63
N ASP B 116 5.33 -7.49 -2.79
CA ASP B 116 6.01 -8.74 -3.07
C ASP B 116 5.14 -9.95 -2.78
N TYR B 117 4.17 -9.84 -1.88
CA TYR B 117 3.23 -10.92 -1.62
C TYR B 117 1.81 -10.39 -1.55
N TRP B 118 0.88 -11.16 -2.12
CA TRP B 118 -0.51 -10.77 -2.26
C TRP B 118 -1.41 -11.80 -1.62
N GLY B 119 -2.52 -11.34 -1.08
CA GLY B 119 -3.57 -12.24 -0.62
C GLY B 119 -4.32 -12.85 -1.78
N GLN B 120 -5.17 -13.83 -1.46
CA GLN B 120 -5.85 -14.58 -2.52
C GLN B 120 -7.02 -13.83 -3.14
N GLY B 121 -7.53 -12.80 -2.47
CA GLY B 121 -8.57 -11.97 -3.03
C GLY B 121 -9.96 -12.36 -2.55
N THR B 122 -10.84 -11.37 -2.44
CA THR B 122 -12.21 -11.59 -2.01
C THR B 122 -13.18 -11.00 -3.02
N LEU B 123 -14.11 -11.79 -3.51
CA LEU B 123 -15.15 -11.30 -4.40
C LEU B 123 -16.26 -10.64 -3.60
N VAL B 124 -16.58 -9.39 -3.95
CA VAL B 124 -17.72 -8.68 -3.38
C VAL B 124 -18.61 -8.22 -4.51
N THR B 125 -19.89 -8.60 -4.44
CA THR B 125 -20.89 -8.29 -5.46
C THR B 125 -21.90 -7.32 -4.88
N VAL B 126 -21.98 -6.13 -5.47
CA VAL B 126 -22.90 -5.08 -5.06
C VAL B 126 -24.01 -5.02 -6.10
N SER B 127 -25.23 -5.35 -5.68
CA SER B 127 -26.39 -5.28 -6.57
C SER B 127 -27.65 -5.16 -5.72
N SER B 128 -28.69 -4.58 -6.34
CA SER B 128 -29.94 -4.30 -5.65
C SER B 128 -31.04 -5.30 -5.98
N ALA B 129 -30.90 -6.07 -7.05
CA ALA B 129 -31.94 -6.99 -7.46
C ALA B 129 -32.11 -8.12 -6.46
N SER B 130 -33.33 -8.66 -6.41
CA SER B 130 -33.64 -9.84 -5.62
C SER B 130 -33.82 -11.04 -6.53
N THR B 131 -33.76 -12.23 -5.94
CA THR B 131 -33.86 -13.48 -6.67
C THR B 131 -35.05 -13.45 -7.64
N LYS B 132 -34.75 -13.54 -8.93
CA LYS B 132 -35.75 -13.42 -9.98
C LYS B 132 -35.45 -14.42 -11.09
N GLY B 133 -36.51 -14.87 -11.76
CA GLY B 133 -36.37 -15.78 -12.87
C GLY B 133 -36.00 -15.11 -14.18
N PRO B 134 -35.23 -15.80 -15.00
CA PRO B 134 -34.83 -15.25 -16.30
C PRO B 134 -35.99 -15.28 -17.27
N SER B 135 -35.93 -14.35 -18.22
CA SER B 135 -36.81 -14.35 -19.37
C SER B 135 -36.05 -14.86 -20.59
N VAL B 136 -36.71 -15.68 -21.40
CA VAL B 136 -36.05 -16.52 -22.39
C VAL B 136 -36.65 -16.24 -23.76
N PHE B 137 -35.79 -15.97 -24.73
CA PHE B 137 -36.26 -15.50 -26.04
C PHE B 137 -35.38 -16.02 -27.16
N PRO B 138 -35.96 -16.26 -28.35
CA PRO B 138 -35.24 -16.96 -29.42
C PRO B 138 -34.39 -16.09 -30.35
N LEU B 139 -33.77 -16.76 -31.33
CA LEU B 139 -32.79 -16.20 -32.26
C LEU B 139 -32.99 -16.82 -33.66
N ALA B 140 -32.42 -16.19 -34.70
CA ALA B 140 -32.80 -16.58 -36.07
C ALA B 140 -31.64 -16.67 -37.07
N PRO B 141 -31.68 -17.63 -38.01
CA PRO B 141 -30.47 -17.89 -38.84
C PRO B 141 -30.29 -16.96 -40.03
N SER B 142 -31.37 -16.57 -40.69
CA SER B 142 -31.32 -15.81 -41.95
C SER B 142 -30.49 -16.54 -43.00
N THR B 150 -22.64 -22.54 -40.08
CA THR B 150 -23.08 -22.51 -41.47
C THR B 150 -24.39 -21.72 -41.54
N ALA B 151 -25.23 -21.98 -40.54
CA ALA B 151 -26.13 -21.01 -39.95
C ALA B 151 -26.16 -21.30 -38.45
N ALA B 152 -26.17 -20.23 -37.66
CA ALA B 152 -26.11 -20.32 -36.20
C ALA B 152 -27.38 -19.75 -35.61
N LEU B 153 -27.92 -20.45 -34.61
CA LEU B 153 -29.14 -20.04 -33.93
C LEU B 153 -28.89 -20.10 -32.43
N GLY B 154 -29.78 -19.51 -31.65
CA GLY B 154 -29.46 -19.42 -30.24
C GLY B 154 -30.63 -19.02 -29.38
N CYS B 155 -30.31 -18.79 -28.11
CA CYS B 155 -31.29 -18.50 -27.07
C CYS B 155 -30.73 -17.42 -26.16
N LEU B 156 -31.50 -16.34 -25.96
CA LEU B 156 -31.14 -15.23 -25.09
C LEU B 156 -31.85 -15.39 -23.76
N VAL B 157 -31.09 -15.48 -22.68
CA VAL B 157 -31.62 -15.61 -21.33
C VAL B 157 -31.23 -14.34 -20.57
N LYS B 158 -32.25 -13.56 -20.19
CA LYS B 158 -32.11 -12.14 -19.85
C LYS B 158 -32.68 -11.85 -18.47
N ASP B 159 -32.01 -10.95 -17.74
CA ASP B 159 -32.47 -10.44 -16.45
C ASP B 159 -32.82 -11.56 -15.45
N TYR B 160 -31.79 -12.31 -15.04
CA TYR B 160 -31.97 -13.27 -13.97
C TYR B 160 -31.07 -12.95 -12.78
N PHE B 161 -31.42 -13.53 -11.62
CA PHE B 161 -30.70 -13.35 -10.38
C PHE B 161 -31.09 -14.48 -9.43
N PRO B 162 -30.14 -15.08 -8.71
CA PRO B 162 -28.68 -14.93 -8.83
C PRO B 162 -28.10 -15.89 -9.85
N GLU B 163 -26.83 -15.72 -10.22
CA GLU B 163 -26.17 -16.72 -11.04
C GLU B 163 -26.18 -18.05 -10.31
N PRO B 164 -26.07 -19.17 -11.04
CA PRO B 164 -25.86 -19.46 -12.47
C PRO B 164 -27.14 -19.90 -13.21
N VAL B 165 -27.06 -19.95 -14.54
CA VAL B 165 -28.13 -20.48 -15.37
C VAL B 165 -27.62 -21.69 -16.14
N THR B 166 -28.43 -22.75 -16.19
CA THR B 166 -28.10 -23.94 -16.93
C THR B 166 -29.03 -24.07 -18.14
N VAL B 167 -28.45 -24.32 -19.30
CA VAL B 167 -29.19 -24.42 -20.56
C VAL B 167 -28.78 -25.70 -21.27
N SER B 168 -29.77 -26.49 -21.69
CA SER B 168 -29.56 -27.60 -22.60
C SER B 168 -30.37 -27.35 -23.87
N TRP B 169 -30.08 -28.15 -24.89
CA TRP B 169 -30.78 -28.05 -26.17
C TRP B 169 -31.36 -29.41 -26.54
N ASN B 170 -32.66 -29.45 -26.82
CA ASN B 170 -33.39 -30.68 -27.11
C ASN B 170 -33.21 -31.70 -25.97
N SER B 171 -33.26 -31.21 -24.74
CA SER B 171 -33.19 -32.03 -23.53
C SER B 171 -31.87 -32.80 -23.44
N GLY B 172 -30.83 -32.31 -24.09
CA GLY B 172 -29.52 -32.94 -24.07
C GLY B 172 -29.18 -33.78 -25.27
N ALA B 173 -30.07 -33.87 -26.27
CA ALA B 173 -29.78 -34.68 -27.46
C ALA B 173 -28.79 -33.97 -28.39
N LEU B 174 -28.80 -32.64 -28.40
CA LEU B 174 -27.95 -31.82 -29.26
C LEU B 174 -26.87 -31.20 -28.38
N THR B 175 -25.66 -31.77 -28.44
CA THR B 175 -24.54 -31.28 -27.65
C THR B 175 -23.35 -30.81 -28.48
N SER B 176 -23.24 -31.21 -29.75
CA SER B 176 -22.11 -30.83 -30.58
C SER B 176 -22.34 -29.46 -31.18
N GLY B 177 -21.34 -28.59 -31.08
CA GLY B 177 -21.45 -27.24 -31.58
C GLY B 177 -22.11 -26.24 -30.65
N VAL B 178 -22.46 -26.67 -29.43
CA VAL B 178 -23.13 -25.80 -28.47
C VAL B 178 -22.09 -24.98 -27.72
N HIS B 179 -22.37 -23.69 -27.53
CA HIS B 179 -21.55 -22.85 -26.68
C HIS B 179 -22.46 -21.91 -25.89
N THR B 180 -22.41 -22.01 -24.58
CA THR B 180 -23.10 -21.08 -23.69
C THR B 180 -22.11 -20.02 -23.23
N PHE B 181 -22.49 -18.76 -23.38
CA PHE B 181 -21.54 -17.71 -23.08
C PHE B 181 -21.58 -17.32 -21.60
N PRO B 182 -20.48 -16.82 -21.06
CA PRO B 182 -20.50 -16.31 -19.69
C PRO B 182 -21.43 -15.10 -19.57
N ALA B 183 -22.02 -14.96 -18.39
CA ALA B 183 -22.97 -13.89 -18.17
C ALA B 183 -22.27 -12.55 -18.09
N VAL B 184 -23.02 -11.49 -18.38
CA VAL B 184 -22.54 -10.12 -18.26
C VAL B 184 -23.43 -9.39 -17.27
N LEU B 185 -22.83 -8.49 -16.50
CA LEU B 185 -23.55 -7.67 -15.53
C LEU B 185 -23.77 -6.30 -16.14
N GLN B 186 -25.01 -6.01 -16.53
CA GLN B 186 -25.33 -4.73 -17.14
C GLN B 186 -25.55 -3.67 -16.07
N SER B 187 -25.85 -2.45 -16.51
CA SER B 187 -26.16 -1.39 -15.56
C SER B 187 -27.36 -1.76 -14.69
N SER B 188 -28.28 -2.56 -15.24
CA SER B 188 -29.49 -2.93 -14.52
C SER B 188 -29.21 -3.57 -13.18
N GLY B 189 -28.07 -4.27 -13.06
CA GLY B 189 -27.79 -5.07 -11.88
C GLY B 189 -28.22 -6.50 -11.99
N LEU B 190 -28.63 -6.95 -13.18
CA LEU B 190 -29.05 -8.34 -13.41
C LEU B 190 -28.28 -8.91 -14.58
N TYR B 191 -28.11 -10.22 -14.57
CA TYR B 191 -27.26 -10.90 -15.54
C TYR B 191 -28.03 -11.29 -16.80
N SER B 192 -27.27 -11.59 -17.84
CA SER B 192 -27.83 -12.02 -19.12
C SER B 192 -26.76 -12.77 -19.87
N LEU B 193 -27.12 -13.93 -20.43
CA LEU B 193 -26.21 -14.63 -21.32
C LEU B 193 -27.01 -15.22 -22.48
N SER B 194 -26.31 -15.91 -23.38
CA SER B 194 -26.94 -16.52 -24.52
C SER B 194 -26.20 -17.80 -24.87
N SER B 195 -26.92 -18.75 -25.46
CA SER B 195 -26.34 -20.02 -25.86
C SER B 195 -26.60 -20.24 -27.34
N VAL B 196 -25.54 -20.54 -28.09
CA VAL B 196 -25.60 -20.66 -29.54
C VAL B 196 -25.30 -22.10 -29.95
N VAL B 197 -25.92 -22.51 -31.05
CA VAL B 197 -25.62 -23.77 -31.71
C VAL B 197 -25.47 -23.50 -33.20
N THR B 198 -24.48 -24.14 -33.80
CA THR B 198 -24.22 -24.05 -35.23
C THR B 198 -24.70 -25.34 -35.87
N VAL B 199 -25.59 -25.25 -36.85
CA VAL B 199 -26.18 -26.47 -37.38
C VAL B 199 -26.15 -26.43 -38.90
N PRO B 200 -26.23 -27.60 -39.56
CA PRO B 200 -26.12 -27.61 -41.02
C PRO B 200 -27.25 -26.84 -41.70
N SER B 201 -26.95 -26.30 -42.87
CA SER B 201 -27.93 -25.54 -43.63
C SER B 201 -29.00 -26.43 -44.26
N SER B 202 -28.71 -27.71 -44.46
CA SER B 202 -29.70 -28.59 -45.08
C SER B 202 -30.87 -28.90 -44.14
N SER B 203 -30.63 -28.82 -42.83
CA SER B 203 -31.56 -29.36 -41.84
C SER B 203 -32.37 -28.29 -41.11
N LEU B 204 -32.50 -27.09 -41.69
CA LEU B 204 -33.20 -26.01 -41.01
C LEU B 204 -34.67 -26.38 -40.75
N GLY B 205 -35.40 -26.70 -41.80
CA GLY B 205 -36.81 -27.03 -41.68
C GLY B 205 -37.11 -28.42 -41.21
N THR B 206 -36.09 -29.22 -40.87
CA THR B 206 -36.28 -30.61 -40.48
C THR B 206 -36.08 -30.87 -39.00
N GLN B 207 -34.98 -30.39 -38.42
CA GLN B 207 -34.71 -30.60 -37.01
C GLN B 207 -35.34 -29.51 -36.16
N THR B 208 -35.93 -29.91 -35.04
CA THR B 208 -36.53 -28.99 -34.08
C THR B 208 -35.51 -28.69 -32.98
N TYR B 209 -35.46 -27.43 -32.56
CA TYR B 209 -34.49 -26.98 -31.56
C TYR B 209 -35.23 -26.38 -30.38
N ILE B 210 -35.12 -27.05 -29.22
CA ILE B 210 -35.77 -26.63 -27.98
C ILE B 210 -34.68 -26.26 -27.00
N CYS B 211 -34.82 -25.11 -26.36
CA CYS B 211 -33.87 -24.64 -25.35
C CYS B 211 -34.51 -24.85 -23.98
N ASN B 212 -33.88 -25.68 -23.17
CA ASN B 212 -34.35 -25.99 -21.82
C ASN B 212 -33.43 -25.24 -20.86
N VAL B 213 -33.90 -24.09 -20.41
CA VAL B 213 -33.20 -23.30 -19.41
C VAL B 213 -33.87 -23.58 -18.08
N ASN B 214 -33.06 -23.78 -17.03
CA ASN B 214 -33.63 -23.93 -15.70
C ASN B 214 -32.78 -23.16 -14.70
N HIS B 215 -33.33 -22.08 -14.20
CA HIS B 215 -32.67 -21.26 -13.19
C HIS B 215 -33.24 -21.71 -11.85
N LYS B 216 -32.55 -22.66 -11.21
CA LYS B 216 -33.05 -23.27 -9.99
C LYS B 216 -33.01 -22.36 -8.77
N PRO B 217 -31.95 -21.55 -8.55
CA PRO B 217 -32.02 -20.58 -7.44
C PRO B 217 -33.25 -19.71 -7.49
N SER B 218 -33.69 -19.35 -8.70
CA SER B 218 -34.94 -18.64 -8.90
C SER B 218 -36.15 -19.56 -9.06
N ASN B 219 -35.92 -20.89 -9.08
CA ASN B 219 -37.00 -21.87 -9.12
C ASN B 219 -37.86 -21.74 -10.37
N THR B 220 -37.21 -21.62 -11.53
CA THR B 220 -37.92 -21.46 -12.77
C THR B 220 -37.37 -22.40 -13.83
N LYS B 221 -38.27 -22.99 -14.62
CA LYS B 221 -37.91 -23.88 -15.72
C LYS B 221 -38.65 -23.43 -16.96
N VAL B 222 -37.93 -23.06 -18.01
CA VAL B 222 -38.52 -22.57 -19.24
C VAL B 222 -37.99 -23.39 -20.42
N ASP B 223 -38.91 -23.84 -21.27
CA ASP B 223 -38.56 -24.46 -22.54
C ASP B 223 -39.03 -23.54 -23.66
N LYS B 224 -38.12 -23.20 -24.58
CA LYS B 224 -38.41 -22.26 -25.66
C LYS B 224 -37.93 -22.83 -26.98
N ARG B 225 -38.85 -23.02 -27.92
CA ARG B 225 -38.52 -23.57 -29.23
C ARG B 225 -38.10 -22.46 -30.19
N VAL B 226 -37.10 -22.76 -31.02
CA VAL B 226 -36.53 -21.79 -31.95
C VAL B 226 -36.93 -22.18 -33.37
N GLU B 227 -37.54 -21.24 -34.10
CA GLU B 227 -38.05 -21.51 -35.44
C GLU B 227 -37.36 -20.59 -36.45
N PRO B 228 -37.00 -21.07 -37.63
CA PRO B 228 -36.18 -20.26 -38.56
C PRO B 228 -36.83 -18.99 -39.09
N LYS B 229 -38.15 -18.75 -38.81
CA LYS B 229 -39.22 -18.67 -39.82
C LYS B 229 -38.72 -17.86 -41.02
N SER B 230 -38.55 -16.55 -40.88
CA SER B 230 -38.35 -15.68 -42.03
C SER B 230 -38.24 -14.23 -41.54
N CYS B 231 -37.47 -13.43 -42.28
CA CYS B 231 -37.27 -12.03 -41.88
C CYS B 231 -38.53 -11.22 -42.09
N ALA C 4 -4.81 4.37 -16.52
CA ALA C 4 -3.96 5.56 -16.44
C ALA C 4 -2.60 5.28 -17.07
N LEU C 5 -2.14 4.04 -16.97
CA LEU C 5 -0.97 3.56 -17.69
C LEU C 5 -1.44 2.73 -18.88
N THR C 6 -0.88 3.00 -20.05
CA THR C 6 -1.30 2.36 -21.29
C THR C 6 -0.26 1.34 -21.71
N GLN C 7 -0.70 0.09 -21.81
CA GLN C 7 0.05 -1.03 -22.36
C GLN C 7 -0.84 -1.76 -23.34
N PRO C 8 -0.27 -2.45 -24.33
CA PRO C 8 -1.11 -3.14 -25.32
C PRO C 8 -2.03 -4.15 -24.65
N ALA C 9 -3.21 -4.33 -25.25
CA ALA C 9 -4.21 -5.22 -24.67
C ALA C 9 -3.73 -6.67 -24.72
N SER C 10 -3.06 -7.06 -25.80
CA SER C 10 -2.63 -8.44 -25.96
C SER C 10 -1.39 -8.49 -26.82
N VAL C 11 -0.49 -9.40 -26.47
CA VAL C 11 0.70 -9.71 -27.25
C VAL C 11 0.80 -11.23 -27.32
N SER C 12 1.28 -11.73 -28.46
CA SER C 12 1.43 -13.17 -28.65
C SER C 12 2.75 -13.45 -29.32
N GLY C 13 3.23 -14.67 -29.10
CA GLY C 13 4.47 -15.13 -29.72
C GLY C 13 4.54 -16.64 -29.68
N SER C 14 5.35 -17.18 -30.58
CA SER C 14 5.55 -18.62 -30.66
C SER C 14 6.48 -19.08 -29.56
N PRO C 15 6.38 -20.34 -29.13
CA PRO C 15 7.29 -20.85 -28.11
C PRO C 15 8.75 -20.76 -28.56
N GLY C 16 9.59 -20.27 -27.65
CA GLY C 16 10.99 -20.03 -27.91
C GLY C 16 11.33 -18.60 -28.27
N GLN C 17 10.39 -17.87 -28.87
CA GLN C 17 10.65 -16.50 -29.28
C GLN C 17 10.68 -15.58 -28.07
N SER C 18 11.14 -14.34 -28.31
CA SER C 18 11.08 -13.29 -27.32
C SER C 18 9.93 -12.34 -27.67
N ILE C 19 9.34 -11.74 -26.63
CA ILE C 19 8.31 -10.73 -26.80
C ILE C 19 8.62 -9.57 -25.85
N THR C 20 8.06 -8.41 -26.19
CA THR C 20 8.23 -7.21 -25.39
C THR C 20 6.87 -6.59 -25.12
N ILE C 21 6.64 -6.25 -23.85
CA ILE C 21 5.45 -5.55 -23.39
C ILE C 21 5.88 -4.15 -22.99
N SER C 22 5.24 -3.14 -23.56
CA SER C 22 5.54 -1.76 -23.24
C SER C 22 4.55 -1.24 -22.21
N CYS C 23 5.01 -0.26 -21.44
CA CYS C 23 4.22 0.35 -20.37
C CYS C 23 4.56 1.82 -20.37
N THR C 24 3.68 2.65 -20.91
CA THR C 24 3.95 4.07 -21.06
C THR C 24 3.22 4.84 -19.96
N GLY C 25 3.96 5.69 -19.26
CA GLY C 25 3.40 6.54 -18.24
C GLY C 25 3.70 7.99 -18.50
N THR C 26 3.86 8.77 -17.45
CA THR C 26 4.14 10.20 -17.56
C THR C 26 5.41 10.51 -16.76
N SER C 27 5.78 11.78 -16.74
CA SER C 27 6.93 12.21 -15.95
C SER C 27 6.66 12.16 -14.45
N SER C 28 5.44 11.82 -14.04
CA SER C 28 5.08 11.79 -12.64
C SER C 28 5.08 10.38 -12.06
N ASP C 29 5.02 9.35 -12.90
CA ASP C 29 5.12 7.97 -12.41
C ASP C 29 6.29 7.20 -13.01
N VAL C 30 6.28 6.94 -14.32
CA VAL C 30 7.26 6.00 -14.88
C VAL C 30 8.53 6.72 -15.27
N GLY C 31 8.40 7.87 -15.92
CA GLY C 31 9.55 8.66 -16.30
C GLY C 31 10.21 9.39 -15.15
N GLY C 32 9.62 9.33 -13.95
CA GLY C 32 10.14 10.08 -12.83
C GLY C 32 10.93 9.25 -11.84
N PHE C 33 10.62 7.96 -11.73
CA PHE C 33 11.16 7.14 -10.68
C PHE C 33 11.46 5.74 -11.20
N ASN C 34 12.26 5.00 -10.44
CA ASN C 34 12.57 3.60 -10.72
C ASN C 34 11.59 2.65 -10.09
N TYR C 35 10.49 3.15 -9.54
CA TYR C 35 9.52 2.29 -8.87
C TYR C 35 8.63 1.60 -9.90
N VAL C 36 9.24 0.99 -10.90
CA VAL C 36 8.50 0.31 -11.95
C VAL C 36 8.54 -1.18 -11.66
N SER C 37 7.38 -1.79 -11.57
CA SER C 37 7.29 -3.22 -11.29
C SER C 37 6.38 -3.87 -12.32
N TRP C 38 6.56 -5.17 -12.48
CA TRP C 38 5.80 -5.98 -13.41
C TRP C 38 5.27 -7.18 -12.65
N PHE C 39 3.97 -7.44 -12.79
CA PHE C 39 3.28 -8.50 -12.10
C PHE C 39 2.65 -9.45 -13.12
N GLN C 40 2.69 -10.75 -12.84
CA GLN C 40 1.98 -11.74 -13.62
C GLN C 40 0.81 -12.28 -12.81
N GLN C 41 -0.34 -12.42 -13.45
CA GLN C 41 -1.55 -12.97 -12.85
C GLN C 41 -2.06 -14.07 -13.76
N HIS C 42 -2.11 -15.27 -13.24
CA HIS C 42 -2.78 -16.41 -13.84
C HIS C 42 -4.24 -16.42 -13.41
N PRO C 43 -5.13 -16.94 -14.25
CA PRO C 43 -6.56 -16.90 -13.94
C PRO C 43 -6.89 -17.61 -12.63
N GLY C 44 -7.64 -16.92 -11.78
CA GLY C 44 -8.05 -17.46 -10.50
C GLY C 44 -7.06 -17.28 -9.37
N LYS C 45 -5.89 -16.71 -9.65
CA LYS C 45 -4.84 -16.59 -8.64
C LYS C 45 -4.43 -15.15 -8.46
N ALA C 46 -3.83 -14.87 -7.31
CA ALA C 46 -3.34 -13.54 -7.00
C ALA C 46 -2.18 -13.16 -7.91
N PRO C 47 -1.90 -11.87 -8.06
CA PRO C 47 -0.73 -11.46 -8.85
C PRO C 47 0.57 -11.88 -8.20
N LYS C 48 1.55 -12.17 -9.05
CA LYS C 48 2.88 -12.56 -8.62
C LYS C 48 3.88 -11.51 -9.09
N LEU C 49 4.71 -11.04 -8.17
CA LEU C 49 5.74 -10.07 -8.54
C LEU C 49 6.81 -10.76 -9.40
N MET C 50 6.97 -10.26 -10.63
CA MET C 50 7.94 -10.74 -11.61
C MET C 50 9.16 -9.83 -11.73
N LEU C 51 8.95 -8.54 -11.83
CA LEU C 51 10.04 -7.58 -11.91
C LEU C 51 9.79 -6.44 -10.94
N TYR C 52 10.83 -6.02 -10.24
CA TYR C 52 10.76 -4.83 -9.39
C TYR C 52 11.97 -3.99 -9.72
N ASP C 53 11.86 -2.69 -9.44
CA ASP C 53 12.98 -1.78 -9.71
C ASP C 53 13.60 -2.02 -11.09
N VAL C 54 13.03 -1.38 -12.10
CA VAL C 54 12.74 -1.82 -13.44
C VAL C 54 13.59 -3.05 -13.86
N THR C 55 14.84 -3.20 -13.42
CA THR C 55 15.64 -4.36 -13.85
C THR C 55 15.68 -5.55 -12.88
N SER C 56 15.51 -5.33 -11.57
CA SER C 56 15.77 -6.35 -10.56
C SER C 56 14.68 -7.43 -10.54
N ARG C 57 15.13 -8.68 -10.32
CA ARG C 57 14.22 -9.81 -10.28
C ARG C 57 14.16 -10.40 -8.87
N PRO C 58 12.97 -10.75 -8.38
CA PRO C 58 12.91 -11.46 -7.10
C PRO C 58 13.38 -12.89 -7.31
N SER C 59 13.94 -13.47 -6.26
CA SER C 59 14.50 -14.81 -6.37
C SER C 59 13.40 -15.79 -6.77
N GLY C 60 13.75 -16.75 -7.62
CA GLY C 60 12.79 -17.74 -8.08
C GLY C 60 12.07 -17.40 -9.36
N VAL C 61 12.39 -16.28 -10.00
CA VAL C 61 11.78 -15.92 -11.27
C VAL C 61 12.84 -16.12 -12.35
N SER C 62 12.46 -16.78 -13.44
CA SER C 62 13.43 -17.20 -14.45
C SER C 62 14.04 -15.98 -15.14
N SER C 63 15.36 -16.05 -15.40
CA SER C 63 16.08 -14.94 -16.02
C SER C 63 15.64 -14.70 -17.45
N ARG C 64 14.69 -15.52 -17.93
CA ARG C 64 14.02 -15.24 -19.18
C ARG C 64 13.21 -13.95 -19.14
N PHE C 65 12.80 -13.51 -17.95
CA PHE C 65 12.13 -12.22 -17.80
C PHE C 65 13.15 -11.14 -17.51
N SER C 66 13.11 -10.05 -18.28
CA SER C 66 14.00 -8.93 -18.08
C SER C 66 13.24 -7.62 -18.25
N GLY C 67 13.78 -6.55 -17.67
CA GLY C 67 13.14 -5.26 -17.74
C GLY C 67 14.09 -4.19 -18.22
N SER C 68 13.51 -3.13 -18.78
CA SER C 68 14.26 -1.96 -19.21
C SER C 68 13.35 -0.75 -19.15
N LYS C 69 13.95 0.44 -19.27
CA LYS C 69 13.18 1.68 -19.24
C LYS C 69 13.89 2.74 -20.06
N SER C 70 13.11 3.47 -20.86
CA SER C 70 13.62 4.59 -21.65
C SER C 70 12.60 5.71 -21.61
N GLY C 71 13.02 6.86 -21.10
CA GLY C 71 12.11 7.98 -20.96
C GLY C 71 10.92 7.60 -20.11
N ASN C 72 9.72 7.77 -20.66
CA ASN C 72 8.49 7.45 -19.96
C ASN C 72 7.95 6.06 -20.28
N THR C 73 8.73 5.22 -20.96
CA THR C 73 8.24 3.90 -21.37
C THR C 73 9.12 2.82 -20.78
N ALA C 74 8.53 1.96 -19.94
CA ALA C 74 9.19 0.78 -19.42
C ALA C 74 8.82 -0.43 -20.28
N SER C 75 9.64 -1.46 -20.21
CA SER C 75 9.47 -2.62 -21.07
C SER C 75 9.83 -3.90 -20.33
N LEU C 76 9.01 -4.91 -20.53
CA LEU C 76 9.24 -6.27 -20.04
C LEU C 76 9.49 -7.18 -21.24
N THR C 77 10.67 -7.77 -21.30
CA THR C 77 11.00 -8.71 -22.37
C THR C 77 11.01 -10.13 -21.80
N ILE C 78 10.30 -11.02 -22.47
CA ILE C 78 10.28 -12.44 -22.10
C ILE C 78 10.86 -13.21 -23.27
N SER C 79 12.03 -13.82 -23.06
CA SER C 79 12.65 -14.67 -24.06
C SER C 79 12.34 -16.14 -23.77
N GLY C 80 12.51 -16.98 -24.80
CA GLY C 80 12.26 -18.40 -24.66
C GLY C 80 10.90 -18.71 -24.08
N LEU C 81 9.85 -18.22 -24.74
CA LEU C 81 8.49 -18.37 -24.25
C LEU C 81 8.15 -19.83 -23.96
N GLN C 82 7.52 -20.06 -22.81
CA GLN C 82 6.98 -21.36 -22.45
C GLN C 82 5.47 -21.24 -22.23
N ALA C 83 4.76 -22.36 -22.38
CA ALA C 83 3.31 -22.34 -22.26
C ALA C 83 2.85 -21.95 -20.86
N GLU C 84 3.70 -22.14 -19.85
CA GLU C 84 3.40 -21.66 -18.50
C GLU C 84 3.34 -20.14 -18.43
N ASP C 85 3.89 -19.44 -19.42
CA ASP C 85 3.93 -17.99 -19.38
C ASP C 85 2.63 -17.32 -19.78
N GLU C 86 1.68 -18.09 -20.32
CA GLU C 86 0.41 -17.50 -20.70
C GLU C 86 -0.32 -16.98 -19.47
N ALA C 87 -0.47 -15.67 -19.40
CA ALA C 87 -1.08 -15.00 -18.26
C ALA C 87 -1.31 -13.54 -18.62
N ASP C 88 -1.88 -12.79 -17.68
CA ASP C 88 -2.04 -11.35 -17.82
C ASP C 88 -0.91 -10.66 -17.08
N TYR C 89 -0.35 -9.63 -17.70
CA TYR C 89 0.82 -8.93 -17.16
C TYR C 89 0.49 -7.47 -16.94
N TYR C 90 0.76 -6.99 -15.73
CA TYR C 90 0.43 -5.63 -15.31
C TYR C 90 1.71 -4.92 -14.87
N CYS C 91 2.00 -3.79 -15.51
CA CYS C 91 3.03 -2.93 -14.94
C CYS C 91 2.42 -2.04 -13.87
N SER C 92 3.29 -1.48 -13.04
CA SER C 92 2.84 -0.62 -11.94
C SER C 92 3.94 0.35 -11.58
N SER C 93 3.53 1.51 -11.05
CA SER C 93 4.49 2.52 -10.66
C SER C 93 4.00 3.31 -9.45
N HIS C 94 4.95 3.64 -8.57
CA HIS C 94 4.75 4.67 -7.56
C HIS C 94 4.81 6.04 -8.23
N THR C 95 3.95 6.96 -7.77
CA THR C 95 3.76 8.26 -8.40
C THR C 95 4.36 9.36 -7.54
N SER C 96 4.53 10.54 -8.15
CA SER C 96 5.08 11.67 -7.43
C SER C 96 4.17 12.11 -6.28
N ARG C 97 2.88 11.81 -6.36
CA ARG C 97 1.94 12.16 -5.30
C ARG C 97 1.86 11.10 -4.21
N GLY C 98 2.71 10.08 -4.27
CA GLY C 98 2.73 9.06 -3.25
C GLY C 98 1.69 7.97 -3.43
N THR C 99 1.07 7.88 -4.60
CA THR C 99 0.07 6.87 -4.90
C THR C 99 0.67 5.80 -5.81
N TRP C 100 -0.15 4.82 -6.15
CA TRP C 100 0.24 3.73 -7.04
C TRP C 100 -0.71 3.69 -8.23
N VAL C 101 -0.16 3.43 -9.41
CA VAL C 101 -0.95 3.33 -10.63
C VAL C 101 -0.57 2.05 -11.37
N PHE C 102 -1.57 1.39 -11.95
CA PHE C 102 -1.39 0.15 -12.70
C PHE C 102 -1.74 0.35 -14.16
N GLY C 103 -1.13 -0.46 -15.01
CA GLY C 103 -1.46 -0.48 -16.42
C GLY C 103 -2.74 -1.24 -16.70
N GLY C 104 -3.17 -1.19 -17.97
CA GLY C 104 -4.41 -1.81 -18.37
C GLY C 104 -4.37 -3.33 -18.40
N GLY C 105 -3.18 -3.92 -18.37
CA GLY C 105 -3.07 -5.36 -18.46
C GLY C 105 -2.86 -5.86 -19.87
N THR C 106 -1.94 -6.79 -20.06
CA THR C 106 -1.66 -7.37 -21.37
C THR C 106 -1.87 -8.88 -21.31
N LYS C 107 -2.71 -9.39 -22.21
CA LYS C 107 -2.87 -10.83 -22.36
C LYS C 107 -1.72 -11.37 -23.18
N LEU C 108 -0.88 -12.21 -22.57
CA LEU C 108 0.20 -12.85 -23.30
C LEU C 108 -0.29 -14.24 -23.71
N THR C 109 -0.25 -14.52 -25.01
CA THR C 109 -0.60 -15.82 -25.55
C THR C 109 0.64 -16.45 -26.17
N VAL C 110 1.00 -17.63 -25.71
CA VAL C 110 2.01 -18.45 -26.37
C VAL C 110 1.27 -19.36 -27.35
N LEU C 111 1.49 -19.14 -28.63
CA LEU C 111 0.64 -19.70 -29.67
C LEU C 111 0.74 -21.22 -29.70
N GLY C 112 -0.36 -21.89 -29.37
CA GLY C 112 -0.48 -23.33 -29.48
C GLY C 112 -1.26 -23.80 -30.68
N GLN C 113 -1.56 -22.91 -31.63
CA GLN C 113 -2.44 -23.14 -32.76
C GLN C 113 -2.30 -21.95 -33.71
N PRO C 114 -2.42 -22.12 -35.02
CA PRO C 114 -2.27 -20.97 -35.92
C PRO C 114 -3.28 -19.87 -35.60
N LYS C 115 -2.95 -18.64 -35.99
CA LYS C 115 -3.90 -17.56 -35.78
C LYS C 115 -5.12 -17.78 -36.66
N ALA C 116 -6.30 -17.58 -36.09
CA ALA C 116 -7.57 -17.82 -36.78
C ALA C 116 -8.46 -16.60 -36.66
N ALA C 117 -8.95 -16.12 -37.80
CA ALA C 117 -9.86 -14.98 -37.81
C ALA C 117 -11.19 -15.37 -37.17
N PRO C 118 -11.86 -14.42 -36.51
CA PRO C 118 -13.14 -14.74 -35.88
C PRO C 118 -14.25 -14.84 -36.90
N SER C 119 -15.20 -15.74 -36.63
CA SER C 119 -16.47 -15.74 -37.32
C SER C 119 -17.44 -14.94 -36.48
N VAL C 120 -18.00 -13.88 -37.06
CA VAL C 120 -18.90 -12.96 -36.37
C VAL C 120 -20.28 -13.12 -36.97
N THR C 121 -21.28 -13.17 -36.11
CA THR C 121 -22.66 -13.21 -36.58
C THR C 121 -23.49 -12.25 -35.74
N LEU C 122 -24.21 -11.35 -36.41
CA LEU C 122 -24.99 -10.31 -35.76
C LEU C 122 -26.46 -10.59 -35.99
N PHE C 123 -27.23 -10.65 -34.91
CA PHE C 123 -28.62 -11.06 -34.96
C PHE C 123 -29.53 -10.00 -34.36
N PRO C 124 -30.63 -9.66 -35.03
CA PRO C 124 -31.52 -8.59 -34.56
C PRO C 124 -32.48 -9.09 -33.50
N PRO C 125 -33.31 -8.22 -32.91
CA PRO C 125 -34.27 -8.68 -31.91
C PRO C 125 -35.40 -9.52 -32.51
N SER C 126 -35.75 -10.59 -31.82
CA SER C 126 -36.83 -11.46 -32.24
C SER C 126 -38.20 -10.83 -31.92
N SER C 127 -39.23 -11.31 -32.61
CA SER C 127 -40.56 -10.71 -32.49
C SER C 127 -41.16 -10.88 -31.10
N GLU C 128 -40.78 -11.96 -30.39
CA GLU C 128 -41.33 -12.20 -29.06
C GLU C 128 -40.84 -11.15 -28.06
N GLU C 129 -39.55 -10.79 -28.13
CA GLU C 129 -39.08 -9.66 -27.34
C GLU C 129 -39.77 -8.37 -27.76
N LEU C 130 -40.17 -8.28 -29.04
CA LEU C 130 -40.81 -7.08 -29.55
C LEU C 130 -42.23 -6.89 -29.02
N GLN C 131 -42.94 -7.99 -28.76
CA GLN C 131 -44.22 -7.85 -28.06
C GLN C 131 -44.02 -7.39 -26.63
N ALA C 132 -42.85 -7.65 -26.05
CA ALA C 132 -42.44 -7.00 -24.81
C ALA C 132 -41.77 -5.68 -25.14
N ASN C 133 -41.46 -4.91 -24.09
CA ASN C 133 -40.99 -3.55 -24.30
C ASN C 133 -39.61 -3.52 -24.96
N LYS C 134 -38.62 -4.17 -24.35
CA LYS C 134 -37.28 -4.17 -24.92
C LYS C 134 -37.14 -5.16 -26.06
N THR C 136 -33.07 -6.12 -27.86
CA THR C 136 -31.61 -6.25 -27.81
C THR C 136 -31.05 -6.78 -29.13
N LEU C 137 -29.85 -6.33 -29.48
CA LEU C 137 -29.15 -6.73 -30.69
C LEU C 137 -27.88 -7.46 -30.29
N VAL C 138 -27.70 -8.69 -30.79
CA VAL C 138 -26.73 -9.62 -30.20
C VAL C 138 -25.64 -9.96 -31.21
N CYS C 139 -24.38 -9.77 -30.82
CA CYS C 139 -23.22 -9.98 -31.67
C CYS C 139 -22.42 -11.14 -31.08
N LEU C 140 -22.17 -12.18 -31.89
CA LEU C 140 -21.50 -13.39 -31.44
C LEU C 140 -20.19 -13.58 -32.19
N ILE C 141 -19.10 -13.69 -31.44
CA ILE C 141 -17.76 -13.85 -31.98
C ILE C 141 -17.26 -15.23 -31.58
N SER C 142 -16.84 -16.02 -32.56
CA SER C 142 -16.46 -17.39 -32.30
C SER C 142 -15.20 -17.75 -33.07
N ASP C 143 -14.44 -18.70 -32.51
CA ASP C 143 -13.41 -19.41 -33.27
C ASP C 143 -12.29 -18.47 -33.71
N PHE C 144 -11.91 -17.56 -32.83
CA PHE C 144 -10.77 -16.69 -33.04
C PHE C 144 -9.65 -17.07 -32.08
N TYR C 145 -8.43 -16.75 -32.47
CA TYR C 145 -7.26 -17.06 -31.67
C TYR C 145 -6.08 -16.19 -32.09
N PRO C 146 -5.39 -15.52 -31.16
CA PRO C 146 -5.61 -15.48 -29.71
C PRO C 146 -6.91 -14.79 -29.33
N GLY C 147 -7.36 -14.99 -28.09
CA GLY C 147 -8.60 -14.39 -27.64
C GLY C 147 -8.44 -12.96 -27.17
N ALA C 148 -8.30 -12.04 -28.11
CA ALA C 148 -8.28 -10.62 -27.81
C ALA C 148 -8.85 -9.89 -29.01
N VAL C 149 -10.06 -9.36 -28.86
CA VAL C 149 -10.76 -8.66 -29.92
C VAL C 149 -11.31 -7.36 -29.36
N THR C 150 -11.63 -6.43 -30.25
CA THR C 150 -12.33 -5.22 -29.88
C THR C 150 -13.60 -5.11 -30.72
N VAL C 151 -14.67 -4.61 -30.11
CA VAL C 151 -15.98 -4.54 -30.75
C VAL C 151 -16.35 -3.08 -30.95
N ALA C 152 -16.93 -2.79 -32.12
CA ALA C 152 -17.44 -1.46 -32.45
C ALA C 152 -18.84 -1.61 -33.00
N TRP C 153 -19.76 -0.79 -32.48
CA TRP C 153 -21.16 -0.84 -32.87
C TRP C 153 -21.51 0.26 -33.87
N SER C 157 -25.42 4.31 -38.74
CA SER C 157 -24.21 4.07 -39.54
C SER C 157 -23.04 4.92 -39.05
N SER C 158 -23.04 5.23 -37.75
CA SER C 158 -22.04 6.11 -37.17
C SER C 158 -21.65 5.61 -35.78
N PRO C 159 -20.56 6.13 -35.18
CA PRO C 159 -20.13 5.63 -33.87
C PRO C 159 -21.21 5.72 -32.81
N VAL C 160 -21.10 4.83 -31.82
CA VAL C 160 -22.10 4.57 -30.80
C VAL C 160 -21.42 4.50 -29.44
N LYS C 161 -22.22 4.56 -28.38
CA LYS C 161 -21.76 4.26 -27.02
C LYS C 161 -22.98 4.00 -26.15
N ALA C 162 -22.72 3.47 -24.95
CA ALA C 162 -23.73 3.17 -23.94
C ALA C 162 -24.98 2.52 -24.52
N VAL C 164 -24.80 -0.65 -24.21
CA VAL C 164 -23.76 -1.50 -24.75
C VAL C 164 -23.10 -2.33 -23.65
N GLU C 165 -22.95 -3.63 -23.89
CA GLU C 165 -22.27 -4.52 -22.96
C GLU C 165 -21.55 -5.61 -23.74
N THR C 166 -20.26 -5.81 -23.43
CA THR C 166 -19.44 -6.78 -24.14
C THR C 166 -18.81 -7.74 -23.15
N THR C 167 -18.69 -9.00 -23.56
CA THR C 167 -18.08 -10.03 -22.71
C THR C 167 -16.60 -10.18 -23.00
N THR C 168 -15.86 -10.66 -22.01
CA THR C 168 -14.45 -10.97 -22.22
C THR C 168 -14.32 -12.36 -22.84
N PRO C 169 -13.39 -12.54 -23.78
CA PRO C 169 -13.29 -13.83 -24.49
C PRO C 169 -13.14 -15.01 -23.54
N SER C 170 -13.87 -16.09 -23.84
CA SER C 170 -13.88 -17.30 -23.04
C SER C 170 -13.53 -18.51 -23.90
N LYS C 171 -13.01 -19.56 -23.27
CA LYS C 171 -12.61 -20.76 -23.99
C LYS C 171 -13.83 -21.52 -24.50
N GLN C 172 -13.79 -21.90 -25.77
CA GLN C 172 -14.79 -22.81 -26.31
C GLN C 172 -14.44 -24.24 -25.93
N SER C 173 -15.25 -25.20 -26.39
CA SER C 173 -14.95 -26.61 -26.15
C SER C 173 -13.85 -27.12 -27.07
N ASN C 174 -13.67 -26.51 -28.25
CA ASN C 174 -12.59 -26.89 -29.16
C ASN C 174 -11.31 -26.09 -28.91
N ASN C 175 -11.21 -25.40 -27.77
CA ASN C 175 -10.05 -24.61 -27.36
C ASN C 175 -9.85 -23.37 -28.22
N LYS C 176 -10.81 -22.98 -29.03
CA LYS C 176 -10.83 -21.63 -29.56
C LYS C 176 -11.53 -20.72 -28.56
N TYR C 177 -11.53 -19.42 -28.84
CA TYR C 177 -12.14 -18.48 -27.90
C TYR C 177 -13.39 -17.87 -28.52
N ALA C 178 -14.24 -17.35 -27.63
CA ALA C 178 -15.57 -16.89 -27.99
C ALA C 178 -15.97 -15.73 -27.07
N ALA C 179 -16.79 -14.83 -27.61
CA ALA C 179 -17.25 -13.67 -26.87
C ALA C 179 -18.58 -13.21 -27.44
N SER C 180 -19.29 -12.40 -26.65
CA SER C 180 -20.59 -11.88 -27.05
C SER C 180 -20.72 -10.42 -26.62
N SER C 181 -21.44 -9.65 -27.43
CA SER C 181 -21.71 -8.25 -27.13
C SER C 181 -23.19 -7.96 -27.36
N TYR C 182 -23.82 -7.32 -26.39
CA TYR C 182 -25.25 -7.03 -26.45
C TYR C 182 -25.48 -5.53 -26.48
N LEU C 183 -26.40 -5.09 -27.34
CA LEU C 183 -26.82 -3.70 -27.41
C LEU C 183 -28.28 -3.62 -26.98
N SER C 184 -28.52 -2.99 -25.82
CA SER C 184 -29.83 -2.97 -25.18
C SER C 184 -30.57 -1.69 -25.55
N LEU C 185 -31.72 -1.84 -26.22
CA LEU C 185 -32.50 -0.71 -26.68
C LEU C 185 -33.96 -0.87 -26.23
N THR C 186 -34.77 0.10 -26.63
CA THR C 186 -36.22 0.10 -26.53
C THR C 186 -36.81 -0.03 -27.93
N PRO C 187 -38.10 -0.36 -28.08
CA PRO C 187 -38.58 -0.68 -29.45
C PRO C 187 -38.53 0.52 -30.39
N GLU C 188 -39.02 1.67 -29.92
CA GLU C 188 -38.96 2.90 -30.70
C GLU C 188 -37.51 3.29 -30.97
N GLN C 189 -36.67 3.24 -29.92
CA GLN C 189 -35.22 3.41 -30.06
C GLN C 189 -34.66 2.59 -31.21
N TRP C 190 -35.06 1.32 -31.29
CA TRP C 190 -34.66 0.47 -32.41
C TRP C 190 -35.15 1.03 -33.73
N LYS C 191 -36.42 1.50 -33.77
CA LYS C 191 -36.98 1.92 -35.06
C LYS C 191 -36.35 3.18 -35.63
N SER C 192 -35.61 3.97 -34.84
CA SER C 192 -34.99 5.18 -35.40
C SER C 192 -34.25 4.89 -36.72
N HIS C 193 -33.39 3.87 -36.75
CA HIS C 193 -32.60 3.61 -37.97
C HIS C 193 -33.19 2.48 -38.82
N CYS C 198 -22.18 -5.01 -36.18
CA CYS C 198 -21.01 -4.94 -35.31
C CYS C 198 -19.76 -5.31 -36.08
N GLN C 199 -18.65 -4.65 -35.75
CA GLN C 199 -17.36 -4.97 -36.34
C GLN C 199 -16.38 -5.33 -35.22
N VAL C 200 -15.73 -6.47 -35.36
CA VAL C 200 -14.72 -6.91 -34.42
C VAL C 200 -13.36 -6.85 -35.11
N THR C 201 -12.39 -6.30 -34.39
CA THR C 201 -11.03 -6.20 -34.88
C THR C 201 -10.14 -7.09 -34.03
N HIS C 202 -9.32 -7.89 -34.71
CA HIS C 202 -8.50 -8.95 -34.13
C HIS C 202 -7.21 -9.02 -34.93
N GLU C 203 -6.08 -8.97 -34.22
CA GLU C 203 -4.75 -9.07 -34.83
C GLU C 203 -4.62 -8.16 -36.05
N GLY C 204 -5.09 -6.93 -35.92
CA GLY C 204 -4.94 -5.92 -36.94
C GLY C 204 -5.94 -5.97 -38.08
N SER C 205 -6.78 -7.00 -38.17
CA SER C 205 -7.78 -7.10 -39.22
C SER C 205 -9.17 -6.98 -38.60
N THR C 206 -10.08 -6.29 -39.28
CA THR C 206 -11.41 -6.06 -38.76
C THR C 206 -12.45 -6.65 -39.70
N VAL C 207 -13.37 -7.44 -39.14
CA VAL C 207 -14.47 -8.04 -39.88
C VAL C 207 -15.77 -7.42 -39.38
N GLU C 208 -16.71 -7.23 -40.31
CA GLU C 208 -17.90 -6.44 -40.07
C GLU C 208 -19.13 -7.23 -40.50
N LYS C 209 -20.23 -7.09 -39.75
CA LYS C 209 -21.52 -7.64 -40.14
C LYS C 209 -22.61 -6.61 -39.91
N THR C 210 -23.63 -6.66 -40.77
CA THR C 210 -24.70 -5.66 -40.79
C THR C 210 -26.06 -6.32 -40.61
N VAL C 211 -26.99 -5.54 -40.03
CA VAL C 211 -28.40 -5.90 -39.94
C VAL C 211 -29.23 -4.67 -40.27
N ALA C 212 -30.53 -4.90 -40.51
CA ALA C 212 -31.46 -3.81 -40.75
C ALA C 212 -32.89 -4.26 -40.49
N PRO C 213 -33.62 -3.58 -39.60
CA PRO C 213 -35.02 -3.96 -39.35
C PRO C 213 -35.92 -3.80 -40.56
N THR C 214 -35.58 -2.90 -41.48
CA THR C 214 -36.37 -2.62 -42.67
C THR C 214 -35.83 -3.34 -43.90
N GLU C 215 -34.94 -4.33 -43.71
CA GLU C 215 -34.38 -5.10 -44.80
C GLU C 215 -34.67 -6.58 -44.57
N CYS C 216 -35.04 -7.27 -45.64
CA CYS C 216 -35.45 -8.66 -45.54
C CYS C 216 -35.32 -9.39 -46.87
#